data_3UDX
#
_entry.id   3UDX
#
_cell.length_a   119.265
_cell.length_b   242.934
_cell.length_c   49.119
_cell.angle_alpha   90.00
_cell.angle_beta   90.00
_cell.angle_gamma   90.00
#
_symmetry.space_group_name_H-M   'P 21 21 2'
#
loop_
_entity.id
_entity.type
_entity.pdbx_description
1 polymer 'Penicillin-binding protein 1a'
2 non-polymer '(5R)-5-[(1S,2R)-1-formyl-2-hydroxypropyl]-3-[(2-{[(E)-iminomethyl]amino}ethyl)sulfanyl]-4,5-dihydro-1H-pyrrole-2-carbox ylic acid'
3 water water
#
_entity_poly.entity_id   1
_entity_poly.type   'polypeptide(L)'
_entity_poly.pdbx_seq_one_letter_code
;MHHHHHHENLYFQSHMLLKPLQVYTADNQLIAEYGGKLSIPVEYKQIPPNFIHAFLAAEDSSFFEHSGISFKGLGRALSE
SVTGSDVQTGGSTITMQVAKNYYLSPERTLKRKITEIFLARKIEQNLSKEDILSLYVNKIFLGKNAYGIAAAAKIYYNKS
INELSIAQMAMIAGLPKAPSKYNPVVNPERALERRNWILGRMLQLGYISQAEYQKAVAEPINLNMPNRDLNNIHPYAGEM
VRSELVKHFGEQAIDSGYKVYTTINAKRQAIAEKAVQDGLEAYDRRHGWRGAEAHDKPLSEFRAYANTYPAQVTKVNSSS
FEALMQDGSTVTVQWSGMSWARPYRNANSVGAAPSRASQIVKVKDIVRLRPNEAKTAWSLVQVPKVQGQLIAINPNDGSI
EAIVGGYNFYQSKFNRALQGWRQPGSTIKPFLYALALERGMTPYSMVNDSPITIGKWTPKNSDGRYLGMIPLRRALYLSR
NTVSVRLLQTVGIERTRQLFMDFGLQEDQIPRNYTIALGTPQVLPIQMATGYATFANGGYRVQPHFIQRIEDAYGKVIYE
AKPEYACIPCINAPETTDDAQVTTPDDQVVEVTNKELEQKEKTTKQLNLKQTDKNNSQYRQAQRILKSSSAYDMANILRD
VIEHGTGRAALKIGRSDLGGKTGTTNDAKDAWFAGFNGKLVTVTWVGFDQPTTLGRREYGGIAALPIWINFMGQALQGTP
AAWVRLEKDAQ
;
_entity_poly.pdbx_strand_id   A,B
#
# COMPACT_ATOMS: atom_id res chain seq x y z
N LYS A 19 -8.17 -10.22 17.29
CA LYS A 19 -7.70 -11.60 17.42
C LYS A 19 -6.41 -11.83 16.62
N PRO A 20 -5.21 -11.71 17.27
CA PRO A 20 -3.94 -11.85 16.54
C PRO A 20 -3.52 -13.27 16.21
N LEU A 21 -2.47 -13.40 15.37
CA LEU A 21 -1.80 -14.68 15.06
C LEU A 21 -1.10 -15.05 16.36
N GLN A 22 -1.43 -16.21 16.90
CA GLN A 22 -0.86 -16.73 18.15
C GLN A 22 0.15 -17.90 17.91
N VAL A 23 1.34 -17.85 18.57
CA VAL A 23 2.40 -18.87 18.43
C VAL A 23 2.60 -19.62 19.76
N TYR A 24 2.51 -20.94 19.70
CA TYR A 24 2.60 -21.79 20.89
C TYR A 24 3.73 -22.80 20.80
N THR A 25 4.31 -23.14 21.97
CA THR A 25 5.32 -24.18 22.11
C THR A 25 4.56 -25.50 22.25
N ALA A 26 5.29 -26.64 22.06
CA ALA A 26 4.75 -27.99 22.12
C ALA A 26 3.98 -28.33 23.43
N ASP A 27 4.27 -27.58 24.52
CA ASP A 27 3.60 -27.71 25.83
C ASP A 27 2.40 -26.78 25.96
N ASN A 28 1.87 -26.29 24.81
CA ASN A 28 0.69 -25.40 24.72
C ASN A 28 0.81 -24.05 25.45
N GLN A 29 2.04 -23.50 25.58
CA GLN A 29 2.26 -22.18 26.19
C GLN A 29 2.50 -21.13 25.11
N LEU A 30 1.80 -20.01 25.22
CA LEU A 30 1.84 -18.88 24.30
C LEU A 30 3.17 -18.10 24.39
N ILE A 31 3.91 -18.08 23.27
CA ILE A 31 5.21 -17.39 23.23
C ILE A 31 5.21 -16.12 22.39
N ALA A 32 4.31 -16.05 21.40
CA ALA A 32 4.20 -14.89 20.52
C ALA A 32 2.76 -14.54 20.14
N GLU A 33 2.53 -13.25 19.80
CA GLU A 33 1.26 -12.67 19.34
C GLU A 33 1.59 -11.64 18.30
N TYR A 34 1.15 -11.91 17.08
CA TYR A 34 1.39 -11.02 15.97
C TYR A 34 0.06 -10.42 15.50
N GLY A 35 -0.15 -9.14 15.83
CA GLY A 35 -1.35 -8.41 15.49
C GLY A 35 -1.28 -7.85 14.08
N GLY A 36 -2.33 -8.12 13.30
CA GLY A 36 -2.41 -7.63 11.93
C GLY A 36 -3.34 -6.43 11.82
N LYS A 37 -4.26 -6.46 10.85
CA LYS A 37 -5.27 -5.42 10.62
C LYS A 37 -6.14 -5.33 11.88
N LEU A 38 -6.39 -4.10 12.38
CA LEU A 38 -7.15 -3.90 13.61
C LEU A 38 -8.43 -3.06 13.40
N SER A 39 -9.51 -3.45 14.10
CA SER A 39 -10.80 -2.76 14.06
C SER A 39 -11.47 -2.92 15.42
N ILE A 40 -11.79 -1.81 16.08
CA ILE A 40 -12.46 -1.81 17.36
C ILE A 40 -13.72 -1.01 17.14
N PRO A 41 -14.84 -1.64 16.79
CA PRO A 41 -16.06 -0.85 16.52
C PRO A 41 -16.64 -0.18 17.76
N VAL A 42 -17.19 1.02 17.59
CA VAL A 42 -17.81 1.79 18.65
C VAL A 42 -19.22 2.21 18.28
N GLU A 43 -20.05 2.42 19.32
CA GLU A 43 -21.39 2.95 19.16
C GLU A 43 -21.15 4.42 18.82
N TYR A 44 -21.98 4.97 17.92
CA TYR A 44 -21.83 6.34 17.48
C TYR A 44 -21.99 7.35 18.61
N LYS A 45 -22.83 7.02 19.63
CA LYS A 45 -23.08 7.90 20.80
C LYS A 45 -21.86 8.01 21.73
N GLN A 46 -20.99 6.99 21.68
CA GLN A 46 -19.75 6.89 22.45
C GLN A 46 -18.69 7.83 21.86
N ILE A 47 -18.93 8.40 20.65
CA ILE A 47 -17.94 9.26 20.00
C ILE A 47 -17.90 10.69 20.54
N PRO A 48 -16.73 11.22 20.97
CA PRO A 48 -16.67 12.64 21.38
C PRO A 48 -17.09 13.53 20.21
N PRO A 49 -17.99 14.53 20.42
CA PRO A 49 -18.39 15.42 19.31
C PRO A 49 -17.24 16.09 18.58
N ASN A 50 -16.15 16.48 19.30
CA ASN A 50 -14.94 17.09 18.71
C ASN A 50 -14.26 16.23 17.63
N PHE A 51 -14.38 14.89 17.76
CA PHE A 51 -13.81 13.94 16.81
C PHE A 51 -14.64 13.96 15.53
N ILE A 52 -15.98 13.97 15.66
CA ILE A 52 -16.91 14.05 14.52
C ILE A 52 -16.65 15.40 13.80
N HIS A 53 -16.46 16.49 14.58
CA HIS A 53 -16.17 17.85 14.10
C HIS A 53 -14.87 17.92 13.32
N ALA A 54 -13.86 17.18 13.78
CA ALA A 54 -12.56 17.08 13.12
C ALA A 54 -12.75 16.49 11.70
N PHE A 55 -13.59 15.41 11.55
CA PHE A 55 -13.92 14.82 10.24
C PHE A 55 -14.73 15.79 9.41
N LEU A 56 -15.58 16.62 10.04
CA LEU A 56 -16.35 17.62 9.29
C LEU A 56 -15.46 18.72 8.76
N ALA A 57 -14.36 19.04 9.47
CA ALA A 57 -13.43 20.09 9.05
C ALA A 57 -12.30 19.57 8.14
N ALA A 58 -12.27 18.26 7.90
CA ALA A 58 -11.28 17.61 7.07
C ALA A 58 -11.31 18.01 5.57
N GLU A 59 -12.49 18.27 5.01
CA GLU A 59 -12.58 18.68 3.60
C GLU A 59 -13.34 19.97 3.48
N ASP A 60 -12.99 20.79 2.45
CA ASP A 60 -13.64 22.09 2.24
C ASP A 60 -15.10 21.97 1.85
N SER A 61 -15.41 21.02 0.98
CA SER A 61 -16.78 20.88 0.49
C SER A 61 -17.36 19.49 0.52
N SER A 62 -18.57 19.40 1.12
CA SER A 62 -19.37 18.18 1.21
C SER A 62 -20.64 18.41 0.42
N PHE A 63 -21.01 17.47 -0.44
CA PHE A 63 -22.23 17.60 -1.25
C PHE A 63 -23.11 16.38 -1.10
N PHE A 64 -22.91 15.57 -0.08
CA PHE A 64 -23.66 14.33 0.13
C PHE A 64 -25.13 14.62 0.36
N GLN A 125 -22.72 23.80 8.36
CA GLN A 125 -22.70 23.51 6.91
C GLN A 125 -22.22 22.08 6.48
N ASN A 126 -21.92 21.19 7.44
CA ASN A 126 -21.50 19.84 7.08
C ASN A 126 -22.47 18.74 7.59
N LEU A 127 -23.73 19.13 7.84
CA LEU A 127 -24.87 18.35 8.35
C LEU A 127 -24.97 16.89 7.91
N SER A 128 -25.12 16.64 6.59
CA SER A 128 -25.24 15.32 5.97
C SER A 128 -24.00 14.43 6.10
N LYS A 129 -22.79 15.04 6.10
CA LYS A 129 -21.55 14.28 6.25
C LYS A 129 -21.51 13.67 7.64
N GLU A 130 -22.00 14.39 8.67
CA GLU A 130 -22.09 13.89 10.05
C GLU A 130 -22.99 12.64 10.09
N ASP A 131 -24.14 12.67 9.38
CA ASP A 131 -25.04 11.51 9.29
C ASP A 131 -24.42 10.35 8.49
N ILE A 132 -23.68 10.64 7.41
CA ILE A 132 -23.03 9.58 6.60
C ILE A 132 -21.79 8.97 7.29
N LEU A 133 -21.01 9.81 8.01
CA LEU A 133 -19.80 9.45 8.76
C LEU A 133 -19.99 8.19 9.59
N SER A 134 -21.14 8.07 10.30
CA SER A 134 -21.52 6.91 11.14
C SER A 134 -21.40 5.57 10.41
N LEU A 135 -21.63 5.60 9.09
CA LEU A 135 -21.58 4.42 8.23
C LEU A 135 -20.17 3.93 7.99
N TYR A 136 -19.18 4.84 8.12
CA TYR A 136 -17.77 4.60 7.77
C TYR A 136 -16.78 4.69 8.92
N VAL A 137 -17.17 5.32 10.01
CA VAL A 137 -16.40 5.60 11.20
C VAL A 137 -15.61 4.44 11.82
N ASN A 138 -16.10 3.20 11.66
CA ASN A 138 -15.45 2.00 12.19
C ASN A 138 -14.77 1.19 11.13
N LYS A 139 -14.74 1.68 9.90
CA LYS A 139 -14.21 0.99 8.75
C LYS A 139 -13.09 1.73 8.06
N ILE A 140 -13.09 3.07 8.07
CA ILE A 140 -12.09 3.91 7.39
C ILE A 140 -10.67 3.42 7.64
N PHE A 141 -9.92 3.22 6.55
CA PHE A 141 -8.52 2.80 6.67
C PHE A 141 -7.73 4.04 7.03
N LEU A 142 -7.07 3.94 8.19
CA LEU A 142 -6.32 5.04 8.76
C LEU A 142 -4.80 4.90 8.81
N GLY A 143 -4.27 3.91 8.10
CA GLY A 143 -2.84 3.64 8.03
C GLY A 143 -2.36 2.75 9.14
N LYS A 144 -1.23 2.07 8.90
CA LYS A 144 -0.57 1.20 9.89
C LYS A 144 -1.51 0.16 10.49
N ASN A 145 -2.28 -0.55 9.62
CA ASN A 145 -3.26 -1.60 9.96
C ASN A 145 -4.49 -1.15 10.74
N ALA A 146 -4.73 0.17 10.83
CA ALA A 146 -5.86 0.74 11.57
C ALA A 146 -7.07 0.92 10.65
N TYR A 147 -8.19 0.30 11.06
CA TYR A 147 -9.49 0.35 10.39
C TYR A 147 -10.49 0.87 11.41
N GLY A 148 -10.89 2.12 11.25
CA GLY A 148 -11.79 2.80 12.17
C GLY A 148 -11.04 3.59 13.21
N ILE A 149 -11.71 4.61 13.74
CA ILE A 149 -11.20 5.57 14.71
C ILE A 149 -10.55 5.01 15.96
N ALA A 150 -11.18 4.01 16.59
CA ALA A 150 -10.65 3.40 17.82
C ALA A 150 -9.36 2.66 17.57
N ALA A 151 -9.27 1.97 16.39
CA ALA A 151 -8.06 1.24 16.02
C ALA A 151 -6.93 2.27 15.81
N ALA A 152 -7.26 3.44 15.21
CA ALA A 152 -6.26 4.48 14.98
C ALA A 152 -5.74 5.09 16.29
N ALA A 153 -6.65 5.32 17.26
CA ALA A 153 -6.32 5.88 18.58
C ALA A 153 -5.41 4.94 19.34
N LYS A 154 -5.67 3.62 19.24
CA LYS A 154 -4.85 2.59 19.86
C LYS A 154 -3.48 2.52 19.19
N ILE A 155 -3.45 2.34 17.84
CA ILE A 155 -2.23 2.19 17.02
C ILE A 155 -1.26 3.36 17.11
N TYR A 156 -1.76 4.59 17.03
CA TYR A 156 -0.88 5.76 17.06
C TYR A 156 -0.59 6.32 18.43
N TYR A 157 -1.54 6.20 19.37
CA TYR A 157 -1.40 6.87 20.65
C TYR A 157 -1.58 6.00 21.87
N ASN A 158 -1.95 4.72 21.67
CA ASN A 158 -2.18 3.76 22.76
C ASN A 158 -3.29 4.28 23.68
N LYS A 159 -4.26 4.93 23.04
CA LYS A 159 -5.39 5.58 23.68
C LYS A 159 -6.70 5.01 23.21
N SER A 160 -7.74 5.37 23.96
CA SER A 160 -9.12 5.11 23.61
C SER A 160 -9.56 6.45 22.99
N ILE A 161 -10.61 6.46 22.15
CA ILE A 161 -11.08 7.71 21.51
C ILE A 161 -11.39 8.83 22.49
N ASN A 162 -11.96 8.49 23.66
CA ASN A 162 -12.32 9.46 24.71
C ASN A 162 -11.13 9.97 25.55
N GLU A 163 -9.91 9.57 25.19
CA GLU A 163 -8.66 9.98 25.83
C GLU A 163 -7.81 10.86 24.90
N LEU A 164 -8.26 11.03 23.65
CA LEU A 164 -7.51 11.82 22.68
C LEU A 164 -7.73 13.30 22.88
N SER A 165 -6.66 14.07 22.61
CA SER A 165 -6.69 15.52 22.62
C SER A 165 -7.27 16.00 21.28
N ILE A 166 -7.76 17.27 21.23
CA ILE A 166 -8.32 17.88 20.01
C ILE A 166 -7.34 17.73 18.81
N ALA A 167 -6.03 17.98 19.06
CA ALA A 167 -4.94 17.88 18.08
C ALA A 167 -4.81 16.46 17.51
N GLN A 168 -4.83 15.44 18.38
CA GLN A 168 -4.76 14.03 17.96
C GLN A 168 -5.97 13.63 17.15
N MET A 169 -7.18 14.18 17.50
CA MET A 169 -8.44 13.96 16.77
C MET A 169 -8.29 14.56 15.40
N ALA A 170 -7.71 15.79 15.32
CA ALA A 170 -7.48 16.44 14.02
C ALA A 170 -6.47 15.65 13.20
N MET A 171 -5.47 15.03 13.87
CA MET A 171 -4.45 14.20 13.20
C MET A 171 -5.06 12.98 12.47
N ILE A 172 -5.88 12.18 13.17
CA ILE A 172 -6.57 11.02 12.61
C ILE A 172 -7.54 11.41 11.49
N ALA A 173 -8.26 12.58 11.64
CA ALA A 173 -9.23 13.04 10.62
C ALA A 173 -8.56 13.49 9.31
N GLY A 174 -7.23 13.68 9.38
CA GLY A 174 -6.41 14.06 8.24
C GLY A 174 -5.96 12.86 7.42
N LEU A 175 -6.03 11.68 8.03
CA LEU A 175 -5.60 10.45 7.38
C LEU A 175 -6.49 9.82 6.27
N PRO A 176 -7.85 9.77 6.35
CA PRO A 176 -8.62 9.03 5.32
C PRO A 176 -8.31 9.24 3.84
N LYS A 177 -8.05 10.51 3.44
CA LYS A 177 -7.80 10.92 2.06
C LYS A 177 -6.61 10.21 1.44
N ALA A 178 -5.46 10.24 2.14
CA ALA A 178 -4.24 9.57 1.70
C ALA A 178 -3.48 9.04 2.94
N PRO A 179 -3.83 7.84 3.45
CA PRO A 179 -3.18 7.34 4.67
C PRO A 179 -1.66 7.16 4.62
N SER A 180 -1.03 7.29 3.42
CA SER A 180 0.42 7.16 3.29
C SER A 180 1.14 8.49 2.98
N LYS A 181 0.43 9.47 2.37
CA LYS A 181 0.90 10.84 2.04
C LYS A 181 0.80 11.75 3.29
N TYR A 182 -0.10 11.41 4.23
CA TYR A 182 -0.30 12.19 5.45
C TYR A 182 0.12 11.46 6.74
N ASN A 183 0.55 10.18 6.64
CA ASN A 183 0.96 9.33 7.77
C ASN A 183 1.96 10.02 8.71
N PRO A 184 1.73 10.03 10.06
CA PRO A 184 2.68 10.72 10.96
C PRO A 184 4.03 10.01 11.08
N VAL A 185 4.05 8.69 10.89
CA VAL A 185 5.24 7.84 10.93
C VAL A 185 6.13 8.12 9.68
N VAL A 186 5.55 7.98 8.46
CA VAL A 186 6.22 8.16 7.17
C VAL A 186 6.58 9.61 6.85
N ASN A 187 5.58 10.55 6.90
CA ASN A 187 5.81 11.98 6.62
C ASN A 187 5.32 12.85 7.78
N PRO A 188 6.13 13.03 8.84
CA PRO A 188 5.68 13.86 9.97
C PRO A 188 5.43 15.34 9.66
N GLU A 189 6.09 15.92 8.63
CA GLU A 189 5.91 17.33 8.25
C GLU A 189 4.61 17.57 7.49
N ARG A 190 4.26 16.62 6.60
CA ARG A 190 3.01 16.68 5.84
C ARG A 190 1.83 16.38 6.77
N ALA A 191 2.05 15.48 7.76
CA ALA A 191 1.10 15.09 8.80
C ALA A 191 0.75 16.28 9.66
N LEU A 192 1.76 17.08 10.05
CA LEU A 192 1.64 18.27 10.88
C LEU A 192 0.95 19.41 10.15
N GLU A 193 1.27 19.59 8.86
CA GLU A 193 0.69 20.62 8.01
C GLU A 193 -0.81 20.41 7.83
N ARG A 194 -1.22 19.16 7.54
CA ARG A 194 -2.59 18.73 7.34
C ARG A 194 -3.42 18.90 8.64
N ARG A 195 -2.89 18.40 9.78
CA ARG A 195 -3.53 18.49 11.10
C ARG A 195 -3.85 19.94 11.47
N ASN A 196 -2.89 20.87 11.29
CA ASN A 196 -3.04 22.29 11.64
C ASN A 196 -4.05 23.00 10.75
N TRP A 197 -4.11 22.58 9.47
CA TRP A 197 -5.10 23.10 8.52
C TRP A 197 -6.51 22.75 9.07
N ILE A 198 -6.72 21.47 9.47
CA ILE A 198 -7.95 20.93 10.04
C ILE A 198 -8.32 21.67 11.34
N LEU A 199 -7.33 21.93 12.20
CA LEU A 199 -7.54 22.65 13.44
C LEU A 199 -8.01 24.05 13.13
N GLY A 200 -7.39 24.66 12.11
CA GLY A 200 -7.74 26.00 11.63
C GLY A 200 -9.17 26.09 11.16
N ARG A 201 -9.61 25.08 10.38
CA ARG A 201 -10.97 24.97 9.87
C ARG A 201 -11.97 24.71 10.98
N MET A 202 -11.59 23.94 12.02
CA MET A 202 -12.45 23.67 13.19
C MET A 202 -12.73 24.98 13.92
N LEU A 203 -11.72 25.86 13.97
CA LEU A 203 -11.84 27.19 14.56
C LEU A 203 -12.77 28.10 13.73
N GLN A 204 -12.53 28.18 12.40
CA GLN A 204 -13.32 29.01 11.46
C GLN A 204 -14.77 28.58 11.48
N LEU A 205 -15.03 27.25 11.47
CA LEU A 205 -16.38 26.68 11.52
C LEU A 205 -17.08 26.83 12.88
N GLY A 206 -16.31 27.21 13.90
CA GLY A 206 -16.83 27.44 15.26
C GLY A 206 -17.01 26.18 16.07
N TYR A 207 -16.28 25.08 15.68
CA TYR A 207 -16.34 23.82 16.40
C TYR A 207 -15.48 23.86 17.67
N ILE A 208 -14.40 24.65 17.61
CA ILE A 208 -13.44 24.85 18.71
C ILE A 208 -13.21 26.33 19.05
N SER A 209 -13.01 26.64 20.33
CA SER A 209 -12.71 28.01 20.76
C SER A 209 -11.25 28.34 20.45
N GLN A 210 -10.93 29.63 20.28
CA GLN A 210 -9.58 30.13 20.02
C GLN A 210 -8.62 29.58 21.09
N ALA A 211 -9.10 29.50 22.37
CA ALA A 211 -8.36 28.94 23.51
C ALA A 211 -7.97 27.49 23.18
N GLU A 212 -8.95 26.68 22.73
CA GLU A 212 -8.74 25.29 22.31
C GLU A 212 -7.78 25.25 21.12
N TYR A 213 -8.01 26.10 20.09
CA TYR A 213 -7.13 26.16 18.90
C TYR A 213 -5.68 26.46 19.22
N GLN A 214 -5.40 27.56 19.97
CA GLN A 214 -4.05 27.96 20.35
C GLN A 214 -3.30 26.82 21.02
N LYS A 215 -3.95 26.15 21.97
CA LYS A 215 -3.41 24.97 22.67
C LYS A 215 -3.08 23.85 21.63
N ALA A 216 -4.07 23.42 20.85
CA ALA A 216 -3.99 22.38 19.83
C ALA A 216 -2.87 22.51 18.77
N VAL A 217 -2.73 23.69 18.11
CA VAL A 217 -1.65 23.88 17.10
C VAL A 217 -0.22 23.77 17.63
N ALA A 218 0.02 24.33 18.84
CA ALA A 218 1.33 24.30 19.52
C ALA A 218 1.68 22.88 19.97
N GLU A 219 0.65 22.02 20.22
CA GLU A 219 0.83 20.64 20.68
C GLU A 219 1.60 19.81 19.65
N PRO A 220 2.66 19.06 20.05
CA PRO A 220 3.41 18.26 19.07
C PRO A 220 2.68 16.97 18.73
N ILE A 221 3.21 16.23 17.73
CA ILE A 221 2.67 14.96 17.22
C ILE A 221 2.34 13.97 18.35
N ASN A 222 3.27 13.78 19.29
CA ASN A 222 3.15 12.93 20.49
C ASN A 222 2.74 11.48 20.24
N LEU A 223 3.38 10.83 19.26
CA LEU A 223 3.12 9.42 18.97
C LEU A 223 3.48 8.56 20.16
N ASN A 224 2.64 7.57 20.45
CA ASN A 224 2.86 6.64 21.55
C ASN A 224 2.38 5.29 21.05
N MET A 225 3.04 4.82 19.99
CA MET A 225 2.68 3.59 19.30
C MET A 225 2.99 2.33 20.07
N PRO A 226 1.96 1.55 20.49
CA PRO A 226 2.24 0.26 21.13
C PRO A 226 2.80 -0.78 20.14
N ASN A 227 3.56 -1.76 20.67
CA ASN A 227 4.10 -2.85 19.88
C ASN A 227 3.03 -3.92 19.78
N ARG A 228 2.62 -4.25 18.56
CA ARG A 228 1.59 -5.26 18.39
C ARG A 228 2.18 -6.60 17.91
N ASP A 229 3.52 -6.64 17.77
CA ASP A 229 4.28 -7.85 17.44
C ASP A 229 4.97 -8.26 18.74
N LEU A 230 4.23 -8.96 19.64
CA LEU A 230 4.74 -9.43 20.93
C LEU A 230 5.57 -10.73 20.77
N ASN A 231 6.90 -10.63 20.94
CA ASN A 231 7.82 -11.76 20.78
C ASN A 231 9.00 -11.56 21.71
N ASN A 232 8.74 -11.64 23.01
CA ASN A 232 9.81 -11.34 23.97
C ASN A 232 10.20 -12.54 24.91
N ILE A 233 9.81 -13.78 24.53
CA ILE A 233 10.10 -14.98 25.31
C ILE A 233 11.16 -15.85 24.60
N HIS A 234 10.86 -16.32 23.36
CA HIS A 234 11.76 -17.13 22.54
C HIS A 234 11.80 -16.47 21.17
N PRO A 235 12.50 -15.30 21.06
CA PRO A 235 12.39 -14.51 19.82
C PRO A 235 12.61 -15.18 18.49
N TYR A 236 13.65 -16.03 18.36
CA TYR A 236 13.92 -16.78 17.14
C TYR A 236 12.81 -17.81 16.82
N ALA A 237 12.15 -18.39 17.86
CA ALA A 237 11.06 -19.34 17.70
C ALA A 237 9.80 -18.62 17.14
N GLY A 238 9.42 -17.51 17.79
CA GLY A 238 8.27 -16.68 17.38
C GLY A 238 8.44 -16.13 15.99
N GLU A 239 9.63 -15.56 15.71
CA GLU A 239 9.95 -14.99 14.40
C GLU A 239 9.96 -16.02 13.26
N MET A 240 10.37 -17.28 13.54
CA MET A 240 10.38 -18.37 12.55
C MET A 240 8.99 -18.49 11.91
N VAL A 241 7.95 -18.58 12.74
CA VAL A 241 6.55 -18.67 12.32
C VAL A 241 6.11 -17.44 11.51
N ARG A 242 6.29 -16.23 12.08
CA ARG A 242 5.90 -14.98 11.45
C ARG A 242 6.58 -14.83 10.11
N SER A 243 7.92 -14.84 10.08
CA SER A 243 8.64 -14.65 8.83
C SER A 243 8.33 -15.71 7.75
N GLU A 244 8.22 -16.98 8.16
CA GLU A 244 7.93 -18.07 7.22
C GLU A 244 6.49 -18.00 6.67
N LEU A 245 5.49 -17.63 7.51
CA LEU A 245 4.10 -17.50 7.02
C LEU A 245 3.98 -16.33 6.02
N VAL A 246 4.67 -15.22 6.29
CA VAL A 246 4.73 -14.02 5.46
C VAL A 246 5.49 -14.31 4.15
N LYS A 247 6.63 -15.01 4.24
CA LYS A 247 7.47 -15.37 3.08
C LYS A 247 6.69 -16.13 2.00
N HIS A 248 5.85 -17.11 2.43
CA HIS A 248 5.03 -17.93 1.53
C HIS A 248 3.62 -17.41 1.24
N PHE A 249 2.97 -16.75 2.23
CA PHE A 249 1.56 -16.31 2.13
C PHE A 249 1.27 -14.82 2.24
N GLY A 250 2.32 -14.00 2.44
CA GLY A 250 2.20 -12.56 2.59
C GLY A 250 1.52 -12.15 3.89
N GLU A 251 1.37 -10.84 4.08
CA GLU A 251 0.74 -10.25 5.25
C GLU A 251 -0.68 -10.71 5.65
N GLN A 252 -1.42 -11.40 4.76
CA GLN A 252 -2.78 -11.92 5.06
C GLN A 252 -2.69 -13.03 6.09
N ALA A 253 -1.51 -13.69 6.16
CA ALA A 253 -1.22 -14.77 7.08
C ALA A 253 -1.33 -14.32 8.54
N ILE A 254 -0.87 -13.09 8.83
CA ILE A 254 -0.92 -12.49 10.17
C ILE A 254 -2.35 -12.11 10.54
N ASP A 255 -3.13 -11.58 9.59
CA ASP A 255 -4.52 -11.12 9.82
C ASP A 255 -5.54 -12.25 9.97
N SER A 256 -5.14 -13.49 9.63
CA SER A 256 -5.97 -14.70 9.69
C SER A 256 -6.50 -14.98 11.12
N GLY A 257 -5.72 -14.57 12.13
CA GLY A 257 -6.00 -14.80 13.54
C GLY A 257 -5.82 -16.25 13.98
N TYR A 258 -5.18 -17.08 13.12
CA TYR A 258 -4.89 -18.51 13.35
C TYR A 258 -3.94 -18.71 14.54
N LYS A 259 -4.11 -19.85 15.23
CA LYS A 259 -3.30 -20.32 16.36
C LYS A 259 -2.35 -21.42 15.86
N VAL A 260 -1.06 -21.10 15.79
CA VAL A 260 0.02 -21.96 15.32
C VAL A 260 0.63 -22.69 16.51
N TYR A 261 0.36 -24.00 16.59
CA TYR A 261 0.89 -24.90 17.61
C TYR A 261 2.16 -25.58 17.08
N THR A 262 3.31 -24.99 17.41
CA THR A 262 4.64 -25.42 16.95
C THR A 262 5.15 -26.68 17.64
N THR A 263 6.29 -27.20 17.14
CA THR A 263 7.02 -28.39 17.59
C THR A 263 8.09 -28.00 18.64
N ILE A 264 8.31 -26.67 18.84
CA ILE A 264 9.29 -26.09 19.74
C ILE A 264 9.11 -26.51 21.20
N ASN A 265 10.20 -27.08 21.80
CA ASN A 265 10.26 -27.50 23.19
C ASN A 265 10.81 -26.32 23.96
N ALA A 266 9.97 -25.68 24.77
CA ALA A 266 10.29 -24.47 25.53
C ALA A 266 11.49 -24.62 26.44
N LYS A 267 11.62 -25.78 27.11
CA LYS A 267 12.72 -26.14 28.03
C LYS A 267 14.03 -26.07 27.23
N ARG A 268 14.05 -26.79 26.08
CA ARG A 268 15.18 -26.92 25.17
C ARG A 268 15.55 -25.62 24.46
N GLN A 269 14.52 -24.85 24.01
CA GLN A 269 14.68 -23.53 23.36
C GLN A 269 15.40 -22.56 24.32
N ALA A 270 15.02 -22.58 25.60
CA ALA A 270 15.60 -21.78 26.68
C ALA A 270 17.08 -22.13 26.88
N ILE A 271 17.41 -23.45 26.86
CA ILE A 271 18.75 -23.99 27.00
C ILE A 271 19.59 -23.55 25.80
N ALA A 272 19.02 -23.69 24.58
CA ALA A 272 19.68 -23.34 23.32
C ALA A 272 20.16 -21.89 23.32
N GLU A 273 19.28 -20.95 23.74
CA GLU A 273 19.53 -19.51 23.81
C GLU A 273 20.73 -19.19 24.65
N LYS A 274 20.79 -19.76 25.87
CA LYS A 274 21.89 -19.54 26.79
C LYS A 274 23.18 -20.22 26.30
N ALA A 275 23.11 -21.45 25.74
CA ALA A 275 24.30 -22.13 25.25
C ALA A 275 25.00 -21.34 24.13
N VAL A 276 24.22 -20.73 23.21
CA VAL A 276 24.76 -19.94 22.11
C VAL A 276 25.41 -18.63 22.65
N GLN A 277 24.68 -17.89 23.51
CA GLN A 277 25.12 -16.68 24.18
C GLN A 277 26.45 -16.93 24.94
N ASP A 278 26.49 -17.98 25.80
CA ASP A 278 27.70 -18.37 26.56
C ASP A 278 28.85 -18.74 25.64
N GLY A 279 28.56 -19.53 24.60
CA GLY A 279 29.54 -19.99 23.61
C GLY A 279 30.18 -18.86 22.84
N LEU A 280 29.36 -17.99 22.25
CA LEU A 280 29.85 -16.80 21.56
C LEU A 280 30.63 -15.84 22.47
N GLU A 281 30.15 -15.62 23.73
CA GLU A 281 30.86 -14.77 24.71
C GLU A 281 32.21 -15.36 25.11
N ALA A 282 32.34 -16.69 25.09
CA ALA A 282 33.60 -17.38 25.40
C ALA A 282 34.60 -17.12 24.29
N TYR A 283 34.20 -17.27 23.00
CA TYR A 283 35.10 -17.01 21.87
C TYR A 283 35.55 -15.54 21.93
N ASP A 284 34.56 -14.63 21.87
CA ASP A 284 34.70 -13.19 21.92
C ASP A 284 35.74 -12.75 22.95
N ARG A 285 35.61 -13.26 24.19
CA ARG A 285 36.53 -12.94 25.27
C ARG A 285 37.94 -13.37 24.94
N ARG A 286 38.19 -14.66 24.60
CA ARG A 286 39.52 -15.18 24.19
C ARG A 286 40.21 -14.30 23.16
N HIS A 287 39.45 -13.54 22.36
CA HIS A 287 39.98 -12.70 21.29
C HIS A 287 40.20 -11.22 21.62
N GLY A 288 39.80 -10.81 22.82
CA GLY A 288 40.04 -9.45 23.30
C GLY A 288 39.02 -8.37 23.01
N TRP A 289 39.16 -7.27 23.78
CA TRP A 289 38.37 -6.06 23.73
C TRP A 289 38.69 -5.34 22.43
N ARG A 290 37.66 -5.08 21.62
CA ARG A 290 37.75 -4.42 20.32
C ARG A 290 37.27 -2.96 20.40
N GLY A 291 37.13 -2.43 21.61
CA GLY A 291 36.66 -1.07 21.84
C GLY A 291 35.15 -0.97 21.93
N ALA A 292 34.65 0.19 22.40
CA ALA A 292 33.22 0.45 22.51
C ALA A 292 32.56 0.34 21.15
N GLU A 293 31.32 -0.20 21.10
CA GLU A 293 30.57 -0.36 19.84
C GLU A 293 30.31 0.93 19.11
N ALA A 294 30.29 2.05 19.84
CA ALA A 294 30.10 3.40 19.28
C ALA A 294 30.87 4.44 20.11
N HIS A 295 30.99 5.65 19.56
CA HIS A 295 31.61 6.78 20.21
C HIS A 295 30.89 8.05 19.79
N ASP A 296 30.42 8.84 20.77
CA ASP A 296 29.70 10.09 20.57
C ASP A 296 28.51 9.89 19.61
N LYS A 297 27.61 8.95 19.98
CA LYS A 297 26.36 8.65 19.26
C LYS A 297 25.20 8.65 20.28
N PRO A 298 23.95 8.99 19.92
CA PRO A 298 22.89 9.03 20.95
C PRO A 298 22.58 7.67 21.58
N LEU A 299 22.64 7.62 22.93
CA LEU A 299 22.40 6.43 23.76
C LEU A 299 21.01 5.81 23.53
N SER A 300 20.00 6.63 23.20
CA SER A 300 18.64 6.16 22.91
C SER A 300 18.57 5.30 21.61
N GLU A 301 19.64 5.28 20.80
CA GLU A 301 19.68 4.51 19.54
C GLU A 301 20.15 3.06 19.71
N PHE A 302 20.45 2.65 20.96
CA PHE A 302 20.90 1.30 21.28
C PHE A 302 19.86 0.52 22.07
N ARG A 303 19.91 -0.82 21.97
CA ARG A 303 18.95 -1.70 22.63
C ARG A 303 19.61 -2.60 23.61
N ALA A 304 18.95 -2.85 24.74
CA ALA A 304 19.44 -3.82 25.70
C ALA A 304 18.94 -5.19 25.22
N TYR A 305 19.79 -6.22 25.33
CA TYR A 305 19.48 -7.61 24.92
C TYR A 305 20.56 -8.51 25.46
N ALA A 306 20.32 -9.84 25.50
CA ALA A 306 21.29 -10.83 26.01
C ALA A 306 21.95 -10.45 27.36
N ASN A 307 21.16 -9.84 28.27
CA ASN A 307 21.60 -9.36 29.60
C ASN A 307 22.80 -8.36 29.54
N THR A 308 22.75 -7.45 28.56
CA THR A 308 23.77 -6.43 28.32
C THR A 308 23.03 -5.12 28.17
N TYR A 309 23.48 -4.08 28.88
CA TYR A 309 22.79 -2.80 28.82
C TYR A 309 23.67 -1.69 28.28
N PRO A 310 23.21 -1.02 27.21
CA PRO A 310 24.01 0.09 26.65
C PRO A 310 24.16 1.26 27.62
N ALA A 311 25.41 1.70 27.82
CA ALA A 311 25.75 2.79 28.74
C ALA A 311 26.66 3.80 28.05
N GLN A 312 26.58 5.07 28.47
CA GLN A 312 27.47 6.12 27.93
C GLN A 312 28.54 6.47 28.98
N VAL A 313 29.81 6.28 28.64
CA VAL A 313 30.93 6.60 29.51
C VAL A 313 30.96 8.11 29.69
N THR A 314 30.81 8.58 30.95
CA THR A 314 30.78 10.00 31.27
C THR A 314 32.03 10.50 31.98
N LYS A 315 32.71 9.60 32.70
CA LYS A 315 33.93 9.92 33.43
C LYS A 315 34.81 8.70 33.50
N VAL A 316 36.10 8.86 33.15
CA VAL A 316 37.11 7.80 33.19
C VAL A 316 38.09 8.15 34.33
N ASN A 317 38.19 7.27 35.34
CA ASN A 317 39.12 7.43 36.47
C ASN A 317 40.38 6.58 36.21
N SER A 318 41.26 6.40 37.21
CA SER A 318 42.47 5.60 37.03
C SER A 318 42.20 4.07 37.03
N SER A 319 41.32 3.61 37.93
CA SER A 319 40.96 2.20 38.09
C SER A 319 39.49 1.88 37.78
N SER A 320 38.62 2.92 37.69
CA SER A 320 37.19 2.76 37.43
C SER A 320 36.64 3.73 36.34
N PHE A 321 35.35 3.60 36.00
CA PHE A 321 34.68 4.52 35.07
C PHE A 321 33.21 4.71 35.41
N GLU A 322 32.70 5.92 35.18
CA GLU A 322 31.30 6.23 35.42
C GLU A 322 30.57 6.18 34.10
N ALA A 323 29.37 5.62 34.12
CA ALA A 323 28.55 5.42 32.93
C ALA A 323 27.11 5.78 33.17
N LEU A 324 26.48 6.36 32.13
CA LEU A 324 25.08 6.74 32.13
C LEU A 324 24.25 5.63 31.50
N MET A 325 23.24 5.16 32.23
CA MET A 325 22.31 4.10 31.83
C MET A 325 21.09 4.74 31.20
N GLN A 326 20.35 3.98 30.36
CA GLN A 326 19.15 4.41 29.66
C GLN A 326 17.97 4.82 30.57
N ASP A 327 17.93 4.29 31.81
CA ASP A 327 16.89 4.60 32.79
C ASP A 327 17.08 6.02 33.37
N GLY A 328 18.28 6.58 33.15
CA GLY A 328 18.67 7.91 33.58
C GLY A 328 19.64 7.92 34.73
N SER A 329 19.91 6.74 35.30
CA SER A 329 20.81 6.59 36.42
C SER A 329 22.25 6.50 35.94
N THR A 330 23.19 6.61 36.85
CA THR A 330 24.62 6.55 36.59
C THR A 330 25.19 5.48 37.48
N VAL A 331 26.06 4.62 36.91
CA VAL A 331 26.70 3.52 37.65
C VAL A 331 28.22 3.61 37.59
N THR A 332 28.90 2.91 38.52
CA THR A 332 30.35 2.82 38.53
C THR A 332 30.73 1.36 38.31
N VAL A 333 31.66 1.14 37.37
CA VAL A 333 32.21 -0.19 37.06
C VAL A 333 33.60 -0.11 37.62
N GLN A 334 33.92 -1.00 38.58
CA GLN A 334 35.23 -1.01 39.22
C GLN A 334 36.23 -1.82 38.41
N TRP A 335 37.53 -1.80 38.80
CA TRP A 335 38.58 -2.51 38.10
C TRP A 335 38.28 -3.98 37.79
N SER A 336 37.72 -4.71 38.79
CA SER A 336 37.30 -6.11 38.71
C SER A 336 36.52 -6.42 37.41
N GLY A 337 35.52 -5.60 37.11
CA GLY A 337 34.66 -5.74 35.94
C GLY A 337 35.19 -5.25 34.61
N MET A 338 36.47 -4.83 34.55
CA MET A 338 37.08 -4.30 33.33
C MET A 338 38.55 -4.74 33.14
N SER A 339 39.17 -5.36 34.17
CA SER A 339 40.56 -5.84 34.18
C SER A 339 40.86 -6.83 33.04
N TRP A 340 39.82 -7.57 32.59
CA TRP A 340 39.93 -8.56 31.51
C TRP A 340 40.35 -7.93 30.17
N ALA A 341 39.86 -6.72 29.87
CA ALA A 341 40.03 -5.99 28.61
C ALA A 341 41.39 -5.91 27.91
N ARG A 342 41.98 -7.06 27.52
CA ARG A 342 43.22 -7.15 26.75
C ARG A 342 42.86 -6.71 25.32
N PRO A 343 43.60 -5.77 24.70
CA PRO A 343 43.21 -5.31 23.35
C PRO A 343 43.36 -6.34 22.23
N TYR A 344 42.36 -6.43 21.36
CA TYR A 344 42.37 -7.31 20.19
C TYR A 344 43.34 -6.68 19.20
N ARG A 345 44.42 -7.40 18.83
CA ARG A 345 45.38 -6.92 17.85
C ARG A 345 44.97 -7.46 16.48
N ASN A 346 44.67 -8.78 16.40
CA ASN A 346 44.17 -9.52 15.22
C ASN A 346 43.50 -10.82 15.67
N ALA A 347 42.99 -11.64 14.72
CA ALA A 347 42.33 -12.91 15.02
C ALA A 347 43.25 -13.89 15.77
N ASN A 348 44.58 -13.64 15.74
CA ASN A 348 45.58 -14.47 16.41
C ASN A 348 46.39 -13.77 17.48
N SER A 349 46.17 -12.46 17.66
CA SER A 349 46.91 -11.68 18.65
C SER A 349 46.05 -10.78 19.56
N VAL A 350 46.33 -10.85 20.88
CA VAL A 350 45.73 -10.02 21.94
C VAL A 350 46.88 -9.24 22.63
N GLY A 351 46.66 -7.95 22.82
CA GLY A 351 47.62 -7.07 23.47
C GLY A 351 47.85 -7.35 24.95
N ALA A 352 48.61 -6.46 25.57
CA ALA A 352 49.00 -6.55 26.98
C ALA A 352 47.82 -6.18 27.87
N ALA A 353 47.65 -6.91 29.00
CA ALA A 353 46.58 -6.65 29.97
C ALA A 353 46.61 -5.19 30.43
N PRO A 354 45.46 -4.48 30.46
CA PRO A 354 45.49 -3.07 30.87
C PRO A 354 45.80 -2.90 32.36
N SER A 355 46.29 -1.71 32.72
CA SER A 355 46.66 -1.35 34.08
C SER A 355 45.83 -0.17 34.58
N ARG A 356 45.17 0.54 33.64
CA ARG A 356 44.34 1.69 33.90
C ARG A 356 43.12 1.75 32.96
N ALA A 357 42.04 2.44 33.41
CA ALA A 357 40.77 2.59 32.69
C ALA A 357 40.87 3.30 31.34
N SER A 358 41.70 4.36 31.24
CA SER A 358 41.93 5.14 30.00
C SER A 358 42.35 4.26 28.81
N GLN A 359 43.09 3.16 29.09
CA GLN A 359 43.55 2.18 28.10
C GLN A 359 42.40 1.40 27.47
N ILE A 360 41.23 1.33 28.17
CA ILE A 360 40.04 0.60 27.74
C ILE A 360 38.95 1.53 27.17
N VAL A 361 38.61 2.63 27.89
CA VAL A 361 37.53 3.56 27.55
C VAL A 361 37.93 5.02 27.49
N LYS A 362 37.07 5.81 26.79
CA LYS A 362 37.13 7.25 26.59
C LYS A 362 35.71 7.77 26.93
N VAL A 363 35.60 9.01 27.43
CA VAL A 363 34.31 9.64 27.68
C VAL A 363 33.57 9.73 26.30
N LYS A 364 32.21 9.62 26.31
CA LYS A 364 31.29 9.66 25.15
C LYS A 364 31.17 8.30 24.43
N ASP A 365 31.94 7.29 24.86
CA ASP A 365 31.92 5.94 24.34
C ASP A 365 30.59 5.27 24.72
N ILE A 366 30.04 4.41 23.82
CA ILE A 366 28.81 3.64 24.10
C ILE A 366 29.27 2.21 24.44
N VAL A 367 29.15 1.82 25.72
CA VAL A 367 29.57 0.51 26.23
C VAL A 367 28.39 -0.39 26.64
N ARG A 368 28.65 -1.69 26.83
CA ARG A 368 27.66 -2.66 27.29
C ARG A 368 28.06 -3.13 28.67
N LEU A 369 27.13 -3.03 29.62
CA LEU A 369 27.35 -3.45 30.99
C LEU A 369 26.40 -4.57 31.39
N ARG A 370 26.84 -5.41 32.33
CA ARG A 370 26.07 -6.53 32.83
C ARG A 370 25.91 -6.41 34.33
N PRO A 371 24.67 -6.52 34.85
CA PRO A 371 24.48 -6.45 36.31
C PRO A 371 24.79 -7.79 37.00
N ASN A 372 24.10 -8.09 38.11
CA ASN A 372 24.28 -9.36 38.84
C ASN A 372 22.95 -10.11 38.98
N GLU A 373 22.92 -11.10 39.90
CA GLU A 373 21.75 -11.90 40.24
C GLU A 373 20.68 -10.96 40.82
N ALA A 374 21.11 -10.01 41.69
CA ALA A 374 20.27 -8.99 42.28
C ALA A 374 20.57 -7.67 41.53
N LYS A 375 21.73 -7.04 41.84
CA LYS A 375 22.31 -5.82 41.25
C LYS A 375 23.69 -5.61 41.92
N THR A 376 23.87 -4.52 42.69
CA THR A 376 25.08 -4.15 43.43
C THR A 376 26.32 -3.81 42.58
N ALA A 377 26.74 -4.73 41.70
CA ALA A 377 27.89 -4.52 40.82
C ALA A 377 27.55 -4.65 39.32
N TRP A 378 28.22 -3.83 38.49
CA TRP A 378 28.13 -3.84 37.03
C TRP A 378 29.51 -4.17 36.49
N SER A 379 29.55 -4.85 35.35
CA SER A 379 30.83 -5.21 34.73
C SER A 379 30.78 -4.85 33.25
N LEU A 380 31.96 -4.48 32.70
CA LEU A 380 32.09 -4.18 31.28
C LEU A 380 32.06 -5.50 30.49
N VAL A 381 31.04 -5.67 29.65
CA VAL A 381 30.89 -6.85 28.78
C VAL A 381 31.11 -6.44 27.31
N GLN A 382 30.98 -7.40 26.39
CA GLN A 382 31.18 -7.13 24.98
C GLN A 382 30.20 -7.95 24.16
N VAL A 383 29.47 -7.28 23.24
CA VAL A 383 28.59 -8.01 22.34
C VAL A 383 29.48 -8.59 21.22
N PRO A 384 29.50 -9.95 21.11
CA PRO A 384 30.36 -10.62 20.11
C PRO A 384 30.14 -10.16 18.68
N LYS A 385 31.24 -10.02 17.90
CA LYS A 385 31.18 -9.69 16.46
C LYS A 385 30.90 -11.03 15.78
N VAL A 386 31.47 -12.09 16.35
CA VAL A 386 31.32 -13.46 15.89
C VAL A 386 29.86 -13.89 15.99
N GLN A 387 29.45 -14.76 15.09
CA GLN A 387 28.07 -15.25 15.12
C GLN A 387 28.08 -16.73 15.32
N GLY A 388 26.89 -17.24 15.58
CA GLY A 388 26.66 -18.65 15.81
C GLY A 388 25.22 -18.99 15.52
N GLN A 389 24.89 -20.26 15.65
CA GLN A 389 23.54 -20.77 15.54
C GLN A 389 23.49 -22.14 16.18
N LEU A 390 22.27 -22.60 16.46
CA LEU A 390 21.96 -23.93 16.99
C LEU A 390 20.66 -24.37 16.36
N ILE A 391 20.62 -25.62 15.91
CA ILE A 391 19.40 -26.23 15.38
C ILE A 391 19.21 -27.68 15.95
N ALA A 392 18.10 -27.93 16.66
CA ALA A 392 17.82 -29.24 17.24
C ALA A 392 16.56 -29.82 16.66
N ILE A 393 16.67 -31.03 16.06
CA ILE A 393 15.52 -31.69 15.43
C ILE A 393 15.33 -33.12 15.93
N ASN A 394 14.09 -33.63 15.86
CA ASN A 394 13.76 -35.01 16.21
C ASN A 394 14.05 -35.89 14.98
N PRO A 395 14.97 -36.90 15.12
CA PRO A 395 15.35 -37.73 13.95
C PRO A 395 14.26 -38.61 13.36
N ASN A 396 13.24 -38.98 14.17
CA ASN A 396 12.13 -39.81 13.69
C ASN A 396 11.17 -39.13 12.72
N ASP A 397 10.82 -37.84 12.95
CA ASP A 397 9.83 -37.12 12.12
C ASP A 397 10.27 -35.75 11.58
N GLY A 398 11.48 -35.32 11.93
CA GLY A 398 12.00 -34.03 11.50
C GLY A 398 11.45 -32.82 12.24
N SER A 399 10.76 -33.00 13.39
CA SER A 399 10.23 -31.91 14.21
C SER A 399 11.34 -30.99 14.71
N ILE A 400 11.17 -29.66 14.51
CA ILE A 400 12.13 -28.68 15.01
C ILE A 400 11.84 -28.40 16.48
N GLU A 401 12.75 -28.84 17.37
CA GLU A 401 12.62 -28.70 18.83
C GLU A 401 13.19 -27.42 19.45
N ALA A 402 14.27 -26.90 18.89
CA ALA A 402 14.98 -25.73 19.39
C ALA A 402 15.68 -25.07 18.22
N ILE A 403 15.67 -23.73 18.17
CA ILE A 403 16.23 -22.95 17.06
C ILE A 403 16.73 -21.56 17.51
N VAL A 404 18.02 -21.31 17.29
CA VAL A 404 18.70 -20.07 17.63
C VAL A 404 19.42 -19.66 16.36
N GLY A 405 18.95 -18.55 15.79
CA GLY A 405 19.42 -18.00 14.52
C GLY A 405 20.64 -17.12 14.60
N GLY A 406 21.06 -16.77 15.80
CA GLY A 406 22.24 -15.94 16.01
C GLY A 406 22.45 -15.63 17.47
N TYR A 407 23.44 -14.76 17.78
CA TYR A 407 23.74 -14.38 19.15
C TYR A 407 22.47 -13.95 19.93
N ASN A 408 21.73 -12.96 19.40
CA ASN A 408 20.45 -12.50 19.97
C ASN A 408 19.64 -11.93 18.84
N PHE A 409 18.34 -12.26 18.78
CA PHE A 409 17.41 -11.75 17.77
C PHE A 409 17.26 -10.20 17.77
N TYR A 410 17.55 -9.57 18.92
CA TYR A 410 17.43 -8.12 19.01
C TYR A 410 18.65 -7.40 18.52
N GLN A 411 19.70 -8.17 18.24
CA GLN A 411 20.94 -7.69 17.65
C GLN A 411 20.78 -7.86 16.14
N SER A 412 20.30 -9.05 15.73
CA SER A 412 20.08 -9.41 14.33
C SER A 412 18.80 -10.22 14.22
N LYS A 413 17.91 -9.81 13.30
CA LYS A 413 16.67 -10.55 13.03
C LYS A 413 16.96 -11.83 12.19
N PHE A 414 18.09 -11.81 11.45
CA PHE A 414 18.53 -12.87 10.55
C PHE A 414 18.69 -14.21 11.26
N ASN A 415 18.14 -15.29 10.65
CA ASN A 415 18.21 -16.67 11.17
C ASN A 415 19.16 -17.52 10.33
N ARG A 416 20.35 -17.72 10.86
CA ARG A 416 21.45 -18.46 10.25
C ARG A 416 21.22 -19.97 10.12
N ALA A 417 20.26 -20.54 10.86
CA ALA A 417 19.92 -21.97 10.84
C ALA A 417 19.19 -22.30 9.56
N LEU A 418 18.27 -21.38 9.20
CA LEU A 418 17.37 -21.46 8.06
C LEU A 418 17.90 -20.78 6.82
N GLN A 419 18.71 -19.72 6.97
CA GLN A 419 19.13 -18.86 5.85
C GLN A 419 20.65 -18.63 5.71
N GLY A 420 21.45 -19.12 6.67
CA GLY A 420 22.90 -18.93 6.67
C GLY A 420 23.69 -19.95 5.91
N TRP A 421 23.84 -19.76 4.59
CA TRP A 421 24.57 -20.64 3.67
C TRP A 421 26.06 -20.59 3.92
N ARG A 422 26.64 -21.73 4.36
CA ARG A 422 28.08 -21.85 4.67
C ARG A 422 28.61 -23.21 4.20
N GLN A 423 29.92 -23.34 4.13
CA GLN A 423 30.55 -24.59 3.74
C GLN A 423 30.65 -25.49 4.98
N PRO A 424 30.20 -26.78 4.88
CA PRO A 424 30.24 -27.65 6.07
C PRO A 424 31.62 -28.22 6.42
N GLY A 425 32.51 -28.28 5.44
CA GLY A 425 33.83 -28.87 5.64
C GLY A 425 33.71 -30.35 5.96
N SER A 426 34.43 -30.77 7.00
CA SER A 426 34.52 -32.16 7.47
C SER A 426 33.21 -32.75 7.95
N THR A 427 32.19 -31.91 8.25
CA THR A 427 30.88 -32.41 8.69
C THR A 427 30.11 -33.11 7.57
N ILE A 428 30.51 -32.91 6.29
CA ILE A 428 29.90 -33.61 5.15
C ILE A 428 30.53 -35.03 4.95
N LYS A 429 31.78 -35.24 5.46
CA LYS A 429 32.54 -36.49 5.35
C LYS A 429 31.80 -37.75 5.77
N PRO A 430 31.09 -37.81 6.93
CA PRO A 430 30.38 -39.05 7.30
C PRO A 430 29.41 -39.58 6.23
N PHE A 431 28.81 -38.69 5.43
CA PHE A 431 27.90 -39.04 4.34
C PHE A 431 28.61 -39.85 3.23
N LEU A 432 29.78 -39.37 2.83
CA LEU A 432 30.62 -39.98 1.81
C LEU A 432 31.19 -41.30 2.32
N TYR A 433 31.69 -41.31 3.56
CA TYR A 433 32.26 -42.48 4.19
C TYR A 433 31.15 -43.55 4.41
N ALA A 434 29.89 -43.12 4.65
CA ALA A 434 28.73 -44.02 4.79
C ALA A 434 28.45 -44.75 3.45
N LEU A 435 28.56 -44.02 2.32
CA LEU A 435 28.39 -44.57 0.96
C LEU A 435 29.49 -45.58 0.59
N ALA A 436 30.69 -45.45 1.21
CA ALA A 436 31.80 -46.36 0.96
C ALA A 436 31.51 -47.64 1.73
N LEU A 437 30.82 -47.53 2.87
CA LEU A 437 30.43 -48.69 3.66
C LEU A 437 29.31 -49.41 2.95
N GLU A 438 28.49 -48.66 2.21
CA GLU A 438 27.36 -49.15 1.41
C GLU A 438 27.89 -50.04 0.28
N ARG A 439 29.09 -49.72 -0.21
CA ARG A 439 29.68 -50.50 -1.28
C ARG A 439 30.48 -51.72 -0.82
N GLY A 440 30.53 -51.97 0.50
CA GLY A 440 31.19 -53.16 1.02
C GLY A 440 32.35 -52.99 1.97
N MET A 441 32.82 -51.75 2.15
CA MET A 441 33.91 -51.48 3.09
C MET A 441 33.39 -51.50 4.54
N THR A 442 34.31 -51.59 5.51
CA THR A 442 34.02 -51.61 6.94
C THR A 442 34.78 -50.44 7.59
N PRO A 443 34.49 -50.08 8.89
CA PRO A 443 35.31 -49.06 9.57
C PRO A 443 36.81 -49.42 9.58
N TYR A 444 37.14 -50.70 9.32
CA TYR A 444 38.52 -51.23 9.34
C TYR A 444 39.23 -51.32 8.00
N SER A 445 38.50 -51.36 6.88
CA SER A 445 39.12 -51.37 5.56
C SER A 445 40.27 -50.34 5.46
N MET A 446 41.43 -50.81 4.98
CA MET A 446 42.62 -49.99 4.82
C MET A 446 42.48 -49.01 3.63
N VAL A 447 42.80 -47.75 3.89
CA VAL A 447 42.74 -46.67 2.94
C VAL A 447 44.06 -45.91 2.92
N ASN A 448 44.41 -45.40 1.74
CA ASN A 448 45.64 -44.70 1.52
C ASN A 448 45.54 -43.17 1.72
N ASP A 449 46.19 -42.65 2.78
CA ASP A 449 46.33 -41.21 3.02
C ASP A 449 47.72 -40.88 2.46
N SER A 450 47.73 -40.48 1.19
CA SER A 450 48.96 -40.27 0.43
C SER A 450 48.69 -39.19 -0.62
N PRO A 451 49.69 -38.42 -1.12
CA PRO A 451 49.37 -37.41 -2.15
C PRO A 451 48.60 -37.98 -3.35
N ILE A 452 47.74 -37.14 -3.97
CA ILE A 452 46.88 -37.49 -5.11
C ILE A 452 46.71 -36.27 -5.99
N THR A 453 46.63 -36.48 -7.31
CA THR A 453 46.41 -35.43 -8.31
C THR A 453 45.24 -35.89 -9.18
N ILE A 454 44.16 -35.12 -9.17
CA ILE A 454 42.99 -35.37 -10.00
C ILE A 454 42.94 -34.28 -11.06
N GLY A 455 43.52 -34.64 -12.22
CA GLY A 455 43.67 -33.76 -13.35
C GLY A 455 44.69 -32.68 -13.05
N LYS A 456 44.21 -31.42 -12.99
CA LYS A 456 45.00 -30.24 -12.68
C LYS A 456 44.84 -29.84 -11.19
N TRP A 457 44.17 -30.70 -10.40
CA TRP A 457 43.89 -30.47 -8.99
C TRP A 457 44.63 -31.45 -8.08
N THR A 458 45.33 -30.91 -7.07
CA THR A 458 46.07 -31.70 -6.08
C THR A 458 45.51 -31.37 -4.69
N PRO A 459 44.59 -32.22 -4.13
CA PRO A 459 44.08 -31.92 -2.79
C PRO A 459 45.13 -32.23 -1.73
N LYS A 460 45.31 -31.28 -0.80
CA LYS A 460 46.27 -31.44 0.28
C LYS A 460 45.57 -31.59 1.62
N ASN A 461 46.25 -32.25 2.56
CA ASN A 461 45.75 -32.43 3.92
C ASN A 461 46.02 -31.14 4.67
N SER A 462 45.04 -30.64 5.44
CA SER A 462 45.14 -29.39 6.18
C SER A 462 46.47 -29.21 6.98
N ASP A 463 46.95 -30.29 7.61
CA ASP A 463 48.19 -30.27 8.39
C ASP A 463 49.47 -30.51 7.54
N GLY A 464 49.33 -30.73 6.24
CA GLY A 464 50.46 -31.02 5.37
C GLY A 464 51.16 -32.34 5.75
N ARG A 465 50.41 -33.27 6.35
CA ARG A 465 50.90 -34.58 6.76
C ARG A 465 50.07 -35.67 6.07
N TYR A 466 50.71 -36.83 5.82
CA TYR A 466 50.16 -37.98 5.12
C TYR A 466 50.46 -39.19 5.97
N LEU A 467 49.43 -40.00 6.25
CA LEU A 467 49.50 -41.13 7.17
C LEU A 467 49.70 -42.50 6.58
N GLY A 468 49.63 -42.60 5.27
CA GLY A 468 49.77 -43.88 4.57
C GLY A 468 48.52 -44.73 4.69
N MET A 469 48.72 -46.05 4.76
CA MET A 469 47.63 -47.01 4.88
C MET A 469 47.07 -46.99 6.29
N ILE A 470 45.79 -46.54 6.45
CA ILE A 470 45.10 -46.42 7.74
C ILE A 470 43.63 -46.94 7.64
N PRO A 471 42.96 -47.34 8.74
CA PRO A 471 41.54 -47.75 8.60
C PRO A 471 40.65 -46.55 8.29
N LEU A 472 39.53 -46.79 7.59
CA LEU A 472 38.53 -45.83 7.14
C LEU A 472 38.10 -44.90 8.31
N ARG A 473 37.76 -45.47 9.47
CA ARG A 473 37.36 -44.74 10.67
C ARG A 473 38.42 -43.74 11.19
N ARG A 474 39.72 -44.13 11.13
CA ARG A 474 40.82 -43.22 11.49
C ARG A 474 40.85 -42.06 10.48
N ALA A 475 40.69 -42.40 9.18
CA ALA A 475 40.65 -41.39 8.13
C ALA A 475 39.50 -40.41 8.37
N LEU A 476 38.33 -40.93 8.79
CA LEU A 476 37.17 -40.09 9.07
C LEU A 476 37.41 -39.23 10.32
N TYR A 477 37.93 -39.82 11.41
CA TYR A 477 38.23 -39.13 12.65
C TYR A 477 39.27 -38.04 12.43
N LEU A 478 40.35 -38.36 11.74
CA LEU A 478 41.41 -37.40 11.48
C LEU A 478 41.16 -36.46 10.30
N SER A 479 40.05 -36.67 9.56
CA SER A 479 39.58 -35.89 8.40
C SER A 479 40.61 -35.85 7.25
N ARG A 480 40.99 -37.04 6.74
CA ARG A 480 41.97 -37.11 5.67
C ARG A 480 41.36 -36.82 4.29
N ASN A 481 41.60 -35.59 3.76
CA ASN A 481 41.10 -35.13 2.46
C ASN A 481 41.49 -36.04 1.32
N THR A 482 42.73 -36.57 1.37
CA THR A 482 43.24 -37.48 0.34
C THR A 482 42.44 -38.80 0.33
N VAL A 483 42.07 -39.28 1.53
CA VAL A 483 41.21 -40.46 1.67
C VAL A 483 39.78 -40.10 1.17
N SER A 484 39.27 -38.92 1.52
CA SER A 484 37.96 -38.46 1.06
C SER A 484 37.86 -38.44 -0.44
N VAL A 485 38.94 -37.97 -1.11
CA VAL A 485 39.01 -37.91 -2.56
C VAL A 485 39.06 -39.34 -3.16
N ARG A 486 39.82 -40.24 -2.55
CA ARG A 486 39.90 -41.63 -3.03
C ARG A 486 38.57 -42.34 -2.93
N LEU A 487 37.84 -42.09 -1.83
CA LEU A 487 36.52 -42.69 -1.56
C LEU A 487 35.49 -42.15 -2.55
N LEU A 488 35.60 -40.85 -2.88
CA LEU A 488 34.72 -40.21 -3.86
C LEU A 488 34.90 -40.86 -5.24
N GLN A 489 36.12 -41.37 -5.53
CA GLN A 489 36.39 -42.07 -6.78
C GLN A 489 35.74 -43.43 -6.77
N THR A 490 35.75 -44.12 -5.61
CA THR A 490 35.16 -45.46 -5.45
C THR A 490 33.63 -45.38 -5.52
N VAL A 491 33.04 -44.40 -4.79
CA VAL A 491 31.60 -44.20 -4.68
C VAL A 491 31.04 -43.63 -5.99
N GLY A 492 31.73 -42.63 -6.52
CA GLY A 492 31.33 -41.91 -7.71
C GLY A 492 30.71 -40.60 -7.29
N ILE A 493 30.96 -39.51 -8.05
CA ILE A 493 30.41 -38.17 -7.75
C ILE A 493 28.87 -38.21 -7.72
N GLU A 494 28.22 -38.83 -8.74
CA GLU A 494 26.76 -38.89 -8.85
C GLU A 494 26.00 -39.52 -7.71
N ARG A 495 26.45 -40.67 -7.20
CA ARG A 495 25.84 -41.33 -6.06
C ARG A 495 25.95 -40.37 -4.86
N THR A 496 27.13 -39.76 -4.68
CA THR A 496 27.40 -38.79 -3.62
C THR A 496 26.43 -37.60 -3.70
N ARG A 497 26.34 -36.96 -4.88
CA ARG A 497 25.46 -35.81 -5.16
C ARG A 497 24.00 -36.14 -4.88
N GLN A 498 23.55 -37.36 -5.30
CA GLN A 498 22.19 -37.89 -5.10
C GLN A 498 21.89 -37.93 -3.61
N LEU A 499 22.80 -38.49 -2.77
CA LEU A 499 22.62 -38.56 -1.31
C LEU A 499 22.58 -37.17 -0.69
N PHE A 500 23.47 -36.26 -1.12
CA PHE A 500 23.50 -34.88 -0.62
C PHE A 500 22.13 -34.21 -0.79
N MET A 501 21.52 -34.44 -1.96
CA MET A 501 20.21 -33.95 -2.39
C MET A 501 19.06 -34.55 -1.57
N ASP A 502 19.28 -35.76 -1.04
CA ASP A 502 18.29 -36.46 -0.21
C ASP A 502 18.00 -35.80 1.13
N PHE A 503 18.71 -34.69 1.46
CA PHE A 503 18.45 -33.93 2.67
C PHE A 503 18.36 -32.44 2.45
N GLY A 504 17.63 -32.07 1.40
CA GLY A 504 17.29 -30.69 1.07
C GLY A 504 18.27 -29.89 0.24
N LEU A 505 19.45 -30.46 -0.05
CA LEU A 505 20.47 -29.77 -0.85
C LEU A 505 20.09 -29.65 -2.32
N GLN A 506 20.15 -28.42 -2.85
CA GLN A 506 19.80 -28.11 -4.25
C GLN A 506 20.86 -28.64 -5.20
N GLU A 507 20.43 -29.10 -6.39
CA GLU A 507 21.33 -29.60 -7.43
C GLU A 507 22.39 -28.52 -7.76
N ASP A 508 21.91 -27.27 -7.87
CA ASP A 508 22.66 -26.04 -8.18
C ASP A 508 23.72 -25.71 -7.12
N GLN A 509 23.47 -26.12 -5.86
CA GLN A 509 24.33 -25.84 -4.71
C GLN A 509 25.46 -26.85 -4.52
N ILE A 510 25.42 -27.96 -5.28
CA ILE A 510 26.42 -29.02 -5.20
C ILE A 510 27.12 -29.19 -6.55
N PRO A 511 28.43 -28.86 -6.66
CA PRO A 511 29.13 -29.04 -7.95
C PRO A 511 29.36 -30.51 -8.32
N ARG A 512 29.61 -30.77 -9.63
CA ARG A 512 29.87 -32.10 -10.18
C ARG A 512 31.38 -32.34 -10.25
N ASN A 513 32.09 -32.03 -9.15
CA ASN A 513 33.54 -32.18 -9.05
C ASN A 513 33.95 -32.91 -7.78
N TYR A 514 35.26 -33.17 -7.67
CA TYR A 514 35.88 -33.87 -6.54
C TYR A 514 36.07 -33.03 -5.26
N THR A 515 35.72 -31.73 -5.30
CA THR A 515 35.85 -30.87 -4.11
C THR A 515 34.73 -31.12 -3.08
N ILE A 516 33.59 -31.73 -3.53
CA ILE A 516 32.43 -32.04 -2.68
C ILE A 516 32.81 -32.92 -1.48
N ALA A 517 33.88 -33.74 -1.66
CA ALA A 517 34.56 -34.61 -0.70
C ALA A 517 35.24 -33.77 0.41
N LEU A 518 35.64 -32.53 0.09
CA LEU A 518 36.30 -31.60 1.02
C LEU A 518 35.33 -30.62 1.69
N GLY A 519 34.03 -30.78 1.44
CA GLY A 519 32.96 -29.99 2.06
C GLY A 519 32.86 -28.55 1.59
N THR A 520 33.05 -28.35 0.28
CA THR A 520 33.00 -27.07 -0.43
C THR A 520 31.59 -26.56 -0.77
N PRO A 521 30.55 -27.41 -1.07
CA PRO A 521 29.22 -26.86 -1.36
C PRO A 521 28.69 -26.02 -0.21
N GLN A 522 27.83 -25.05 -0.52
CA GLN A 522 27.21 -24.19 0.50
C GLN A 522 26.01 -24.95 1.01
N VAL A 523 25.85 -25.00 2.34
CA VAL A 523 24.73 -25.69 2.99
C VAL A 523 24.11 -24.80 4.05
N LEU A 524 22.94 -25.22 4.50
CA LEU A 524 22.24 -24.61 5.61
C LEU A 524 22.38 -25.56 6.82
N PRO A 525 22.51 -25.02 8.04
CA PRO A 525 22.55 -25.87 9.25
C PRO A 525 21.35 -26.83 9.40
N ILE A 526 20.15 -26.38 9.01
CA ILE A 526 18.89 -27.15 9.01
C ILE A 526 19.00 -28.39 8.12
N GLN A 527 19.76 -28.30 7.03
CA GLN A 527 20.00 -29.40 6.08
C GLN A 527 20.98 -30.41 6.64
N MET A 528 22.03 -29.91 7.35
CA MET A 528 23.05 -30.76 8.00
C MET A 528 22.38 -31.57 9.11
N ALA A 529 21.44 -30.93 9.84
CA ALA A 529 20.65 -31.55 10.89
C ALA A 529 19.85 -32.68 10.29
N THR A 530 19.15 -32.42 9.16
CA THR A 530 18.39 -33.41 8.42
C THR A 530 19.32 -34.55 8.00
N GLY A 531 20.51 -34.20 7.53
CA GLY A 531 21.51 -35.19 7.13
C GLY A 531 21.92 -36.12 8.26
N TYR A 532 22.23 -35.56 9.43
CA TYR A 532 22.67 -36.35 10.60
C TYR A 532 21.57 -37.23 11.19
N ALA A 533 20.31 -36.89 10.95
CA ALA A 533 19.16 -37.67 11.39
C ALA A 533 19.06 -38.99 10.64
N THR A 534 19.71 -39.12 9.47
CA THR A 534 19.79 -40.36 8.66
C THR A 534 20.59 -41.43 9.42
N PHE A 535 21.63 -41.01 10.16
CA PHE A 535 22.46 -41.91 10.98
C PHE A 535 21.69 -42.29 12.24
N ALA A 536 21.06 -41.30 12.90
CA ALA A 536 20.28 -41.45 14.13
C ALA A 536 19.03 -42.33 13.99
N ASN A 537 18.37 -42.28 12.82
CA ASN A 537 17.10 -42.96 12.57
C ASN A 537 17.16 -44.32 11.84
N GLY A 538 18.32 -44.64 11.27
CA GLY A 538 18.55 -45.91 10.59
C GLY A 538 18.51 -45.90 9.08
N GLY A 539 18.86 -44.76 8.48
CA GLY A 539 18.94 -44.65 7.03
C GLY A 539 17.81 -43.95 6.30
N TYR A 540 16.85 -43.37 7.04
CA TYR A 540 15.65 -42.72 6.49
C TYR A 540 15.78 -41.24 6.25
N ARG A 541 14.97 -40.73 5.30
CA ARG A 541 14.85 -39.33 4.91
C ARG A 541 13.65 -38.68 5.63
N VAL A 542 13.94 -37.73 6.51
CA VAL A 542 12.89 -36.99 7.23
C VAL A 542 12.87 -35.54 6.76
N GLN A 543 11.76 -34.83 6.98
CA GLN A 543 11.62 -33.44 6.55
C GLN A 543 11.52 -32.53 7.77
N PRO A 544 12.38 -31.50 7.85
CA PRO A 544 12.25 -30.55 8.97
C PRO A 544 10.90 -29.83 8.94
N HIS A 545 10.17 -29.90 10.06
CA HIS A 545 8.87 -29.25 10.18
C HIS A 545 8.72 -28.56 11.55
N PHE A 546 8.19 -27.33 11.56
CA PHE A 546 8.00 -26.60 12.80
C PHE A 546 6.56 -26.48 13.28
N ILE A 547 5.56 -26.94 12.49
CA ILE A 547 4.13 -26.82 12.85
C ILE A 547 3.54 -28.18 13.11
N GLN A 548 2.96 -28.38 14.30
CA GLN A 548 2.28 -29.64 14.61
C GLN A 548 0.82 -29.53 14.13
N ARG A 549 0.14 -28.44 14.53
CA ARG A 549 -1.22 -28.16 14.13
C ARG A 549 -1.48 -26.66 14.04
N ILE A 550 -2.59 -26.30 13.35
CA ILE A 550 -3.10 -24.93 13.20
C ILE A 550 -4.57 -24.97 13.59
N GLU A 551 -4.92 -24.09 14.53
CA GLU A 551 -6.26 -23.89 15.03
C GLU A 551 -6.74 -22.51 14.57
N ASP A 552 -7.97 -22.42 14.00
CA ASP A 552 -8.53 -21.11 13.61
C ASP A 552 -8.80 -20.27 14.89
N ALA A 553 -9.22 -19.01 14.73
CA ALA A 553 -9.54 -18.15 15.89
C ALA A 553 -10.63 -18.77 16.79
N TYR A 554 -11.54 -19.58 16.19
CA TYR A 554 -12.66 -20.25 16.87
C TYR A 554 -12.37 -21.71 17.27
N GLY A 555 -11.12 -21.96 17.70
CA GLY A 555 -10.60 -23.24 18.21
C GLY A 555 -10.67 -24.51 17.38
N LYS A 556 -11.15 -24.42 16.12
CA LYS A 556 -11.26 -25.60 15.24
C LYS A 556 -9.92 -25.91 14.61
N VAL A 557 -9.53 -27.20 14.64
CA VAL A 557 -8.31 -27.71 14.02
C VAL A 557 -8.51 -27.66 12.49
N ILE A 558 -7.75 -26.75 11.85
CA ILE A 558 -7.78 -26.47 10.41
C ILE A 558 -6.56 -27.04 9.65
N TYR A 559 -5.56 -27.57 10.40
CA TYR A 559 -4.34 -28.21 9.89
C TYR A 559 -3.72 -29.11 10.96
N GLU A 560 -3.41 -30.36 10.59
CA GLU A 560 -2.69 -31.29 11.48
C GLU A 560 -1.53 -31.78 10.67
N ALA A 561 -0.33 -31.77 11.26
CA ALA A 561 0.88 -32.22 10.57
C ALA A 561 0.80 -33.68 10.27
N LYS A 562 1.18 -34.05 9.05
CA LYS A 562 1.25 -35.45 8.66
C LYS A 562 2.71 -35.69 8.20
N PRO A 563 3.68 -35.83 9.13
CA PRO A 563 5.07 -36.03 8.70
C PRO A 563 5.37 -37.45 8.26
N GLU A 564 6.52 -37.63 7.62
CA GLU A 564 7.04 -38.93 7.18
C GLU A 564 7.90 -39.42 8.33
N TYR A 565 7.49 -40.53 8.96
CA TYR A 565 8.16 -41.11 10.10
C TYR A 565 9.11 -42.18 9.65
N ALA A 566 10.33 -42.17 10.20
CA ALA A 566 11.38 -43.15 9.91
C ALA A 566 10.95 -44.51 10.48
N CYS A 567 10.34 -44.49 11.68
CA CYS A 567 9.83 -45.65 12.37
C CYS A 567 8.49 -45.28 12.97
N ILE A 568 7.41 -45.90 12.44
CA ILE A 568 6.03 -45.68 12.86
C ILE A 568 5.74 -46.34 14.21
N PRO A 569 6.11 -47.63 14.47
CA PRO A 569 5.87 -48.20 15.81
C PRO A 569 6.50 -47.38 16.94
N CYS A 570 7.59 -46.66 16.62
CA CYS A 570 8.39 -45.82 17.52
C CYS A 570 7.67 -44.63 18.23
N ILE A 571 6.42 -44.30 17.82
CA ILE A 571 5.63 -43.23 18.46
C ILE A 571 4.52 -43.84 19.32
N GLN A 618 0.90 -40.98 13.01
CA GLN A 618 1.12 -42.43 13.08
C GLN A 618 0.84 -43.08 11.71
N TYR A 619 1.18 -42.39 10.59
CA TYR A 619 0.84 -42.91 9.25
C TYR A 619 1.89 -42.98 8.16
N ARG A 620 2.44 -41.84 7.69
CA ARG A 620 3.39 -41.83 6.57
C ARG A 620 4.77 -42.46 6.83
N GLN A 621 5.20 -43.38 5.95
CA GLN A 621 6.50 -44.02 6.05
C GLN A 621 7.56 -43.20 5.32
N ALA A 622 8.69 -42.93 5.98
CA ALA A 622 9.78 -42.18 5.36
C ALA A 622 10.56 -43.08 4.41
N GLN A 623 11.06 -42.50 3.30
CA GLN A 623 11.88 -43.21 2.31
C GLN A 623 13.28 -43.46 2.87
N ARG A 624 13.75 -44.68 2.68
CA ARG A 624 15.08 -45.08 3.08
C ARG A 624 16.05 -44.52 2.03
N ILE A 625 17.11 -43.85 2.48
CA ILE A 625 18.12 -43.26 1.56
C ILE A 625 19.50 -43.90 1.74
N LEU A 626 19.66 -44.71 2.79
CA LEU A 626 20.90 -45.36 3.17
C LEU A 626 20.58 -46.76 3.73
N LYS A 627 21.46 -47.75 3.46
CA LYS A 627 21.36 -49.13 3.93
C LYS A 627 21.41 -49.12 5.46
N SER A 628 20.52 -49.85 6.13
CA SER A 628 20.47 -49.88 7.61
C SER A 628 21.87 -50.04 8.22
N SER A 629 22.63 -51.09 7.78
CA SER A 629 23.99 -51.39 8.22
C SER A 629 24.99 -50.23 8.04
N SER A 630 24.87 -49.43 6.94
CA SER A 630 25.73 -48.26 6.65
C SER A 630 25.42 -47.16 7.68
N ALA A 631 24.12 -46.86 7.89
CA ALA A 631 23.68 -45.85 8.84
C ALA A 631 24.12 -46.24 10.25
N TYR A 632 23.94 -47.51 10.62
CA TYR A 632 24.30 -48.07 11.91
C TYR A 632 25.82 -48.10 12.15
N ASP A 633 26.61 -48.49 11.14
CA ASP A 633 28.07 -48.52 11.24
C ASP A 633 28.64 -47.09 11.32
N MET A 634 28.04 -46.15 10.60
CA MET A 634 28.43 -44.76 10.66
C MET A 634 28.11 -44.20 12.04
N ALA A 635 26.91 -44.44 12.53
CA ALA A 635 26.50 -43.99 13.86
C ALA A 635 27.51 -44.44 14.94
N ASN A 636 27.96 -45.71 14.87
CA ASN A 636 28.94 -46.21 15.83
C ASN A 636 30.31 -45.62 15.61
N ILE A 637 30.67 -45.28 14.34
CA ILE A 637 31.95 -44.59 14.08
C ILE A 637 31.90 -43.23 14.78
N LEU A 638 30.78 -42.51 14.62
CA LEU A 638 30.57 -41.19 15.21
C LEU A 638 30.52 -41.22 16.72
N ARG A 639 29.97 -42.30 17.27
CA ARG A 639 29.95 -42.57 18.71
C ARG A 639 31.36 -42.76 19.23
N ASP A 640 32.21 -43.44 18.46
CA ASP A 640 33.61 -43.70 18.82
C ASP A 640 34.39 -42.37 18.83
N VAL A 641 34.19 -41.55 17.78
CA VAL A 641 34.80 -40.23 17.61
C VAL A 641 34.46 -39.34 18.84
N ILE A 642 33.24 -39.46 19.38
CA ILE A 642 32.80 -38.66 20.52
C ILE A 642 33.21 -39.18 21.92
N GLU A 643 33.41 -40.50 22.09
CA GLU A 643 33.73 -41.16 23.36
C GLU A 643 35.23 -41.32 23.63
N HIS A 644 36.04 -41.38 22.56
CA HIS A 644 37.47 -41.67 22.69
C HIS A 644 38.33 -40.64 21.99
N GLY A 645 37.73 -39.88 21.08
CA GLY A 645 38.45 -38.88 20.32
C GLY A 645 38.29 -37.45 20.80
N THR A 646 37.65 -37.27 21.99
CA THR A 646 37.44 -35.97 22.66
C THR A 646 37.44 -36.11 24.20
N ILE A 653 29.55 -34.50 29.62
CA ILE A 653 28.24 -35.17 29.54
C ILE A 653 28.39 -36.64 29.96
N GLY A 654 27.53 -37.07 30.88
CA GLY A 654 27.53 -38.44 31.37
C GLY A 654 26.55 -39.29 30.60
N ARG A 655 26.87 -39.52 29.31
CA ARG A 655 26.01 -40.28 28.39
C ARG A 655 26.86 -40.95 27.39
N SER A 656 26.42 -42.13 26.95
CA SER A 656 27.14 -43.01 26.03
C SER A 656 26.36 -43.30 24.72
N ASP A 657 25.14 -42.76 24.60
CA ASP A 657 24.24 -42.92 23.44
C ASP A 657 24.44 -41.75 22.44
N LEU A 658 25.65 -41.17 22.36
CA LEU A 658 25.96 -40.02 21.52
C LEU A 658 27.00 -40.32 20.44
N GLY A 659 26.73 -39.73 19.28
CA GLY A 659 27.57 -39.74 18.08
C GLY A 659 27.75 -38.30 17.62
N GLY A 660 28.85 -38.01 16.94
CA GLY A 660 29.09 -36.66 16.49
C GLY A 660 30.36 -36.43 15.71
N LYS A 661 30.39 -35.32 14.96
CA LYS A 661 31.52 -34.95 14.12
C LYS A 661 31.74 -33.42 14.14
N THR A 662 33.00 -33.02 14.31
CA THR A 662 33.45 -31.62 14.27
C THR A 662 33.75 -31.25 12.81
N GLY A 663 33.79 -29.94 12.55
CA GLY A 663 34.17 -29.36 11.27
C GLY A 663 34.89 -28.04 11.43
N THR A 664 35.91 -27.81 10.59
CA THR A 664 36.68 -26.56 10.52
C THR A 664 37.06 -26.32 9.06
N THR A 665 36.39 -25.35 8.41
CA THR A 665 36.66 -24.98 7.02
C THR A 665 38.04 -24.34 6.90
N ASN A 666 38.54 -24.13 5.66
CA ASN A 666 39.85 -23.55 5.44
C ASN A 666 39.98 -22.14 5.97
N ASP A 667 41.12 -21.91 6.66
CA ASP A 667 41.54 -20.70 7.38
C ASP A 667 40.62 -20.48 8.59
N ALA A 668 39.95 -21.55 9.06
CA ALA A 668 39.01 -21.55 10.18
C ALA A 668 37.91 -20.50 9.98
N LYS A 669 37.32 -20.47 8.77
CA LYS A 669 36.25 -19.53 8.44
C LYS A 669 34.90 -20.00 8.99
N ASP A 670 34.85 -21.25 9.50
CA ASP A 670 33.68 -21.89 10.09
C ASP A 670 34.11 -22.95 11.07
N ALA A 671 33.40 -23.04 12.22
CA ALA A 671 33.58 -24.04 13.29
C ALA A 671 32.22 -24.71 13.42
N TRP A 672 32.15 -26.05 13.18
CA TRP A 672 30.90 -26.82 13.21
C TRP A 672 30.96 -28.00 14.14
N PHE A 673 29.81 -28.37 14.68
CA PHE A 673 29.66 -29.59 15.42
C PHE A 673 28.27 -30.20 15.18
N ALA A 674 28.23 -31.35 14.51
CA ALA A 674 26.99 -32.07 14.22
C ALA A 674 26.98 -33.32 15.06
N GLY A 675 25.92 -33.53 15.80
CA GLY A 675 25.85 -34.68 16.69
C GLY A 675 24.45 -35.07 17.03
N PHE A 676 24.30 -36.27 17.59
CA PHE A 676 23.00 -36.85 17.91
C PHE A 676 23.04 -37.95 18.92
N ASN A 677 21.86 -38.34 19.32
CA ASN A 677 21.43 -39.50 20.09
C ASN A 677 20.19 -39.94 19.26
N GLY A 678 19.51 -41.02 19.63
CA GLY A 678 18.38 -41.54 18.87
C GLY A 678 17.09 -40.76 18.93
N LYS A 679 17.05 -39.68 19.77
CA LYS A 679 15.85 -38.86 19.97
C LYS A 679 16.07 -37.38 19.60
N LEU A 680 17.34 -36.96 19.48
CA LEU A 680 17.66 -35.55 19.22
C LEU A 680 18.93 -35.39 18.38
N VAL A 681 18.85 -34.57 17.32
CA VAL A 681 19.97 -34.23 16.46
C VAL A 681 20.22 -32.75 16.61
N THR A 682 21.42 -32.34 17.04
CA THR A 682 21.78 -30.94 17.19
C THR A 682 22.97 -30.58 16.28
N VAL A 683 22.87 -29.43 15.59
CA VAL A 683 23.95 -28.87 14.76
C VAL A 683 24.22 -27.44 15.28
N THR A 684 25.49 -27.15 15.63
CA THR A 684 25.95 -25.83 16.08
C THR A 684 27.04 -25.36 15.08
N TRP A 685 27.06 -24.05 14.78
CA TRP A 685 28.02 -23.39 13.89
C TRP A 685 28.45 -22.06 14.54
N VAL A 686 29.71 -21.69 14.37
CA VAL A 686 30.30 -20.42 14.83
C VAL A 686 31.11 -19.89 13.62
N GLY A 687 31.06 -18.58 13.41
CA GLY A 687 31.80 -17.88 12.36
C GLY A 687 31.35 -16.44 12.16
N PHE A 688 32.09 -15.69 11.32
CA PHE A 688 31.72 -14.29 11.01
C PHE A 688 30.88 -14.28 9.77
N ASP A 689 29.79 -13.48 9.77
CA ASP A 689 28.87 -13.34 8.64
C ASP A 689 29.61 -12.96 7.35
N GLN A 690 30.68 -12.15 7.50
CA GLN A 690 31.57 -11.78 6.42
C GLN A 690 32.71 -12.79 6.56
N PRO A 691 32.82 -13.78 5.65
CA PRO A 691 33.84 -14.84 5.80
C PRO A 691 35.24 -14.34 6.16
N THR A 692 35.62 -14.59 7.42
CA THR A 692 36.90 -14.17 7.99
C THR A 692 37.35 -15.26 8.92
N THR A 693 38.68 -15.41 9.09
CA THR A 693 39.30 -16.41 9.97
C THR A 693 38.90 -16.26 11.44
N LEU A 694 38.59 -17.40 12.10
CA LEU A 694 38.25 -17.41 13.53
C LEU A 694 39.53 -17.36 14.35
N GLY A 695 40.65 -17.61 13.67
CA GLY A 695 41.99 -17.64 14.25
C GLY A 695 42.64 -18.99 14.05
N ARG A 696 43.99 -19.00 13.91
CA ARG A 696 44.85 -20.17 13.75
C ARG A 696 44.44 -21.37 14.65
N ARG A 697 44.28 -21.08 15.96
CA ARG A 697 43.96 -21.99 17.07
C ARG A 697 42.46 -22.38 17.19
N GLU A 698 41.58 -21.78 16.40
CA GLU A 698 40.16 -22.11 16.54
C GLU A 698 39.75 -23.29 15.65
N TYR A 699 39.10 -24.30 16.24
CA TYR A 699 38.61 -25.48 15.52
C TYR A 699 37.21 -25.78 16.04
N GLY A 700 36.41 -26.52 15.24
CA GLY A 700 35.06 -26.95 15.58
C GLY A 700 34.94 -27.46 17.00
N GLY A 701 35.89 -28.32 17.38
CA GLY A 701 36.02 -28.90 18.71
C GLY A 701 36.21 -27.92 19.86
N ILE A 702 36.77 -26.73 19.54
CA ILE A 702 37.03 -25.66 20.50
C ILE A 702 35.93 -24.56 20.47
N ALA A 703 35.40 -24.21 19.28
CA ALA A 703 34.39 -23.16 19.17
C ALA A 703 32.92 -23.60 19.13
N ALA A 704 32.55 -24.59 18.27
CA ALA A 704 31.15 -25.04 18.16
C ALA A 704 30.76 -26.18 19.17
N LEU A 705 31.68 -27.11 19.43
CA LEU A 705 31.45 -28.26 20.31
C LEU A 705 31.05 -27.89 21.74
N PRO A 706 31.63 -26.85 22.41
CA PRO A 706 31.16 -26.51 23.77
C PRO A 706 29.69 -26.09 23.90
N ILE A 707 29.11 -25.46 22.82
CA ILE A 707 27.70 -25.03 22.77
C ILE A 707 26.84 -26.28 22.66
N TRP A 708 27.29 -27.20 21.78
CA TRP A 708 26.65 -28.50 21.56
C TRP A 708 26.56 -29.27 22.88
N ILE A 709 27.71 -29.35 23.61
CA ILE A 709 27.83 -30.02 24.90
C ILE A 709 26.83 -29.47 25.94
N ASN A 710 26.92 -28.17 26.22
CA ASN A 710 26.09 -27.42 27.15
C ASN A 710 24.61 -27.68 26.84
N PHE A 711 24.23 -27.59 25.54
CA PHE A 711 22.87 -27.86 25.12
C PHE A 711 22.48 -29.30 25.32
N MET A 712 23.25 -30.26 24.74
CA MET A 712 22.86 -31.67 24.80
C MET A 712 22.79 -32.23 26.21
N GLY A 713 23.76 -31.88 27.05
CA GLY A 713 23.79 -32.31 28.44
C GLY A 713 22.52 -31.90 29.16
N GLN A 714 22.15 -30.64 29.01
CA GLN A 714 20.96 -30.08 29.62
C GLN A 714 19.66 -30.55 28.97
N ALA A 715 19.61 -30.63 27.62
CA ALA A 715 18.45 -31.07 26.85
C ALA A 715 18.12 -32.54 27.10
N LEU A 716 19.16 -33.38 27.31
CA LEU A 716 18.98 -34.80 27.49
C LEU A 716 18.93 -35.30 28.93
N GLN A 717 19.05 -34.38 29.90
CA GLN A 717 19.04 -34.69 31.34
C GLN A 717 17.78 -35.45 31.79
N GLY A 718 17.98 -36.56 32.47
CA GLY A 718 16.89 -37.41 32.94
C GLY A 718 16.16 -38.17 31.86
N THR A 719 16.83 -38.39 30.70
CA THR A 719 16.26 -39.17 29.60
C THR A 719 17.06 -40.48 29.50
N PRO A 720 16.39 -41.64 29.35
CA PRO A 720 17.14 -42.91 29.26
C PRO A 720 18.00 -42.94 28.00
N ALA A 721 19.02 -43.79 27.97
CA ALA A 721 19.89 -43.90 26.80
C ALA A 721 19.07 -44.19 25.54
N ALA A 722 19.38 -43.51 24.44
CA ALA A 722 18.64 -43.69 23.19
C ALA A 722 19.62 -43.75 22.05
N TRP A 723 19.74 -44.94 21.43
CA TRP A 723 20.66 -45.20 20.35
C TRP A 723 19.95 -45.74 19.11
N VAL A 724 20.67 -45.90 18.01
CA VAL A 724 20.14 -46.32 16.72
C VAL A 724 19.90 -47.85 16.60
N ARG A 725 18.78 -48.23 15.94
CA ARG A 725 18.37 -49.63 15.73
C ARG A 725 18.92 -50.27 14.45
N LEU A 726 19.43 -51.51 14.55
CA LEU A 726 19.92 -52.24 13.38
C LEU A 726 18.87 -53.21 12.84
N GLU A 727 18.78 -53.32 11.52
CA GLU A 727 17.85 -54.18 10.78
C GLU A 727 18.56 -54.73 9.51
N LYS A 728 18.35 -56.02 9.17
CA LYS A 728 19.01 -56.60 7.98
C LYS A 728 18.12 -56.50 6.76
N LYS B 19 -20.87 -7.90 -5.39
CA LYS B 19 -21.05 -7.00 -4.25
C LYS B 19 -20.44 -5.57 -4.47
N PRO B 20 -20.58 -4.92 -5.66
CA PRO B 20 -19.96 -3.58 -5.82
C PRO B 20 -20.82 -2.44 -5.29
N LEU B 21 -20.22 -1.22 -5.23
CA LEU B 21 -20.90 0.03 -4.92
C LEU B 21 -21.71 0.35 -6.18
N GLN B 22 -23.04 0.38 -6.03
CA GLN B 22 -23.99 0.66 -7.11
C GLN B 22 -24.56 2.08 -7.02
N VAL B 23 -24.68 2.77 -8.15
CA VAL B 23 -25.18 4.14 -8.17
C VAL B 23 -26.46 4.21 -8.94
N TYR B 24 -27.50 4.80 -8.34
CA TYR B 24 -28.77 4.98 -9.02
C TYR B 24 -29.12 6.44 -9.20
N THR B 25 -29.96 6.73 -10.20
CA THR B 25 -30.54 8.06 -10.41
C THR B 25 -31.78 8.11 -9.53
N ALA B 26 -32.38 9.29 -9.37
CA ALA B 26 -33.61 9.47 -8.61
C ALA B 26 -34.81 8.77 -9.30
N ASP B 27 -34.64 8.25 -10.49
CA ASP B 27 -35.68 7.55 -11.26
C ASP B 27 -35.47 6.03 -11.24
N ASN B 28 -34.63 5.54 -10.32
CA ASN B 28 -34.34 4.14 -10.08
C ASN B 28 -33.62 3.36 -11.17
N GLN B 29 -32.87 4.08 -12.00
CA GLN B 29 -32.06 3.50 -13.05
C GLN B 29 -30.62 3.35 -12.49
N LEU B 30 -30.03 2.16 -12.65
CA LEU B 30 -28.64 1.92 -12.26
C LEU B 30 -27.73 2.59 -13.32
N ILE B 31 -26.88 3.51 -12.89
CA ILE B 31 -26.00 4.19 -13.86
C ILE B 31 -24.53 3.79 -13.73
N ALA B 32 -24.11 3.32 -12.55
CA ALA B 32 -22.73 3.02 -12.31
C ALA B 32 -22.55 1.94 -11.28
N GLU B 33 -21.42 1.19 -11.40
CA GLU B 33 -21.00 0.11 -10.54
C GLU B 33 -19.49 0.20 -10.30
N TYR B 34 -19.09 0.31 -9.03
CA TYR B 34 -17.69 0.43 -8.67
C TYR B 34 -17.21 -0.76 -7.86
N GLY B 35 -16.30 -1.52 -8.45
CA GLY B 35 -15.70 -2.69 -7.83
C GLY B 35 -14.63 -2.32 -6.83
N GLY B 36 -14.74 -2.86 -5.63
CA GLY B 36 -13.74 -2.65 -4.58
C GLY B 36 -12.84 -3.87 -4.45
N LYS B 37 -12.48 -4.23 -3.22
CA LYS B 37 -11.67 -5.40 -2.95
C LYS B 37 -12.44 -6.63 -3.42
N LEU B 38 -11.77 -7.50 -4.19
CA LEU B 38 -12.39 -8.69 -4.80
C LEU B 38 -11.81 -9.98 -4.28
N SER B 39 -12.69 -10.94 -3.93
CA SER B 39 -12.38 -12.29 -3.50
C SER B 39 -13.34 -13.25 -4.16
N ILE B 40 -12.83 -14.20 -4.95
CA ILE B 40 -13.69 -15.20 -5.56
C ILE B 40 -13.21 -16.58 -5.05
N PRO B 41 -13.80 -17.12 -3.96
CA PRO B 41 -13.36 -18.42 -3.47
C PRO B 41 -13.60 -19.58 -4.45
N VAL B 42 -12.61 -20.47 -4.54
CA VAL B 42 -12.61 -21.69 -5.35
C VAL B 42 -12.39 -22.85 -4.39
N GLU B 43 -12.91 -24.03 -4.71
CA GLU B 43 -12.66 -25.21 -3.88
C GLU B 43 -11.25 -25.66 -4.27
N TYR B 44 -10.49 -26.25 -3.32
CA TYR B 44 -9.11 -26.68 -3.57
C TYR B 44 -8.93 -27.62 -4.77
N LYS B 45 -9.86 -28.56 -4.95
CA LYS B 45 -9.82 -29.52 -6.06
C LYS B 45 -10.10 -28.89 -7.44
N GLN B 46 -10.53 -27.63 -7.46
CA GLN B 46 -10.78 -26.89 -8.70
C GLN B 46 -9.50 -26.20 -9.19
N ILE B 47 -8.40 -26.26 -8.40
CA ILE B 47 -7.18 -25.56 -8.79
C ILE B 47 -6.32 -26.34 -9.75
N PRO B 48 -6.07 -25.79 -10.97
CA PRO B 48 -5.17 -26.48 -11.92
C PRO B 48 -3.85 -26.90 -11.25
N PRO B 49 -3.35 -28.14 -11.50
CA PRO B 49 -2.12 -28.59 -10.80
C PRO B 49 -0.92 -27.67 -10.91
N ASN B 50 -0.72 -27.05 -12.08
CA ASN B 50 0.43 -26.17 -12.33
C ASN B 50 0.47 -24.93 -11.49
N PHE B 51 -0.71 -24.48 -10.99
CA PHE B 51 -0.83 -23.30 -10.15
C PHE B 51 -0.24 -23.59 -8.78
N ILE B 52 -0.70 -24.70 -8.15
CA ILE B 52 -0.19 -25.17 -6.85
C ILE B 52 1.32 -25.40 -6.94
N HIS B 53 1.80 -25.94 -8.07
CA HIS B 53 3.21 -26.16 -8.34
C HIS B 53 3.97 -24.84 -8.48
N ALA B 54 3.36 -23.85 -9.14
CA ALA B 54 3.97 -22.53 -9.30
C ALA B 54 4.16 -21.86 -7.92
N PHE B 55 3.27 -22.16 -6.94
CA PHE B 55 3.38 -21.65 -5.58
C PHE B 55 4.41 -22.47 -4.81
N LEU B 56 4.38 -23.81 -4.98
CA LEU B 56 5.32 -24.76 -4.38
C LEU B 56 6.76 -24.41 -4.79
N ALA B 57 6.95 -23.87 -6.01
CA ALA B 57 8.24 -23.47 -6.58
C ALA B 57 8.56 -21.98 -6.44
N ALA B 58 7.66 -21.21 -5.84
CA ALA B 58 7.88 -19.77 -5.66
C ALA B 58 8.96 -19.50 -4.62
N GLU B 59 9.07 -20.43 -3.65
CA GLU B 59 10.01 -20.34 -2.56
C GLU B 59 11.05 -21.43 -2.49
N ASP B 60 12.25 -21.01 -2.11
CA ASP B 60 13.47 -21.80 -1.94
C ASP B 60 13.28 -23.00 -1.02
N SER B 61 12.63 -22.81 0.15
CA SER B 61 12.45 -23.88 1.16
C SER B 61 11.31 -23.64 2.12
N SER B 62 10.66 -24.74 2.56
CA SER B 62 9.58 -24.68 3.53
C SER B 62 9.87 -25.66 4.65
N PHE B 63 9.59 -25.26 5.88
CA PHE B 63 9.79 -26.06 7.07
C PHE B 63 8.49 -26.10 7.86
N PHE B 64 7.35 -26.08 7.17
CA PHE B 64 6.05 -26.08 7.85
C PHE B 64 5.75 -27.41 8.57
N ASN B 126 6.69 -28.49 -0.45
CA ASN B 126 6.89 -29.94 -0.58
C ASN B 126 5.82 -30.69 0.24
N LEU B 127 4.58 -30.77 -0.31
CA LEU B 127 3.39 -31.45 0.27
C LEU B 127 2.88 -30.88 1.60
N SER B 128 3.76 -30.26 2.40
CA SER B 128 3.38 -29.61 3.66
C SER B 128 2.92 -28.18 3.33
N LYS B 129 3.58 -27.53 2.35
CA LYS B 129 3.21 -26.19 1.90
C LYS B 129 1.83 -26.29 1.24
N GLU B 130 1.58 -27.41 0.51
CA GLU B 130 0.33 -27.78 -0.18
C GLU B 130 -0.86 -27.66 0.80
N ASP B 131 -0.76 -28.30 2.00
CA ASP B 131 -1.81 -28.30 3.03
C ASP B 131 -2.04 -26.92 3.64
N ILE B 132 -0.97 -26.12 3.78
CA ILE B 132 -1.09 -24.79 4.36
C ILE B 132 -1.47 -23.73 3.29
N LEU B 133 -1.15 -24.01 2.01
CA LEU B 133 -1.51 -23.14 0.91
C LEU B 133 -3.03 -23.11 0.75
N SER B 134 -3.66 -24.29 0.94
CA SER B 134 -5.10 -24.54 0.88
C SER B 134 -5.89 -23.63 1.84
N LEU B 135 -5.25 -23.17 2.93
CA LEU B 135 -5.85 -22.29 3.94
C LEU B 135 -5.77 -20.79 3.57
N TYR B 136 -4.99 -20.43 2.51
CA TYR B 136 -4.76 -19.04 2.14
C TYR B 136 -5.01 -18.69 0.67
N VAL B 137 -4.95 -19.70 -0.21
CA VAL B 137 -5.11 -19.60 -1.66
C VAL B 137 -6.26 -18.63 -2.13
N ASN B 138 -7.31 -18.50 -1.30
CA ASN B 138 -8.47 -17.64 -1.53
C ASN B 138 -8.40 -16.25 -0.85
N LYS B 139 -7.49 -16.09 0.13
CA LYS B 139 -7.32 -14.88 0.94
C LYS B 139 -6.07 -14.08 0.54
N ILE B 140 -5.03 -14.75 -0.03
CA ILE B 140 -3.77 -14.09 -0.38
C ILE B 140 -3.92 -12.80 -1.18
N PHE B 141 -3.36 -11.70 -0.62
CA PHE B 141 -3.27 -10.40 -1.24
C PHE B 141 -2.31 -10.52 -2.42
N LEU B 142 -2.85 -10.26 -3.60
CA LEU B 142 -2.10 -10.37 -4.84
C LEU B 142 -2.01 -9.04 -5.59
N GLY B 143 -2.15 -7.94 -4.85
CA GLY B 143 -2.10 -6.59 -5.40
C GLY B 143 -3.34 -6.20 -6.19
N LYS B 144 -3.49 -4.88 -6.46
CA LYS B 144 -4.59 -4.30 -7.28
C LYS B 144 -6.01 -4.75 -6.88
N ASN B 145 -6.32 -4.76 -5.56
CA ASN B 145 -7.60 -5.20 -4.95
C ASN B 145 -7.87 -6.72 -5.05
N ALA B 146 -6.86 -7.52 -5.47
CA ALA B 146 -7.00 -8.97 -5.63
C ALA B 146 -6.66 -9.77 -4.36
N TYR B 147 -7.66 -10.45 -3.80
CA TYR B 147 -7.52 -11.31 -2.63
C TYR B 147 -7.88 -12.71 -3.07
N GLY B 148 -6.85 -13.55 -3.21
CA GLY B 148 -7.00 -14.92 -3.66
C GLY B 148 -6.68 -15.12 -5.12
N ILE B 149 -6.36 -16.35 -5.49
CA ILE B 149 -6.00 -16.69 -6.86
C ILE B 149 -7.01 -16.33 -7.94
N ALA B 150 -8.28 -16.67 -7.73
CA ALA B 150 -9.32 -16.34 -8.72
C ALA B 150 -9.50 -14.84 -8.98
N ALA B 151 -9.51 -14.00 -7.92
CA ALA B 151 -9.66 -12.56 -8.10
C ALA B 151 -8.48 -11.98 -8.87
N ALA B 152 -7.28 -12.53 -8.65
CA ALA B 152 -6.06 -12.11 -9.35
C ALA B 152 -6.14 -12.47 -10.84
N ALA B 153 -6.58 -13.70 -11.15
CA ALA B 153 -6.78 -14.18 -12.52
C ALA B 153 -7.73 -13.22 -13.23
N LYS B 154 -8.85 -12.88 -12.57
CA LYS B 154 -9.88 -11.98 -13.05
C LYS B 154 -9.38 -10.52 -13.24
N ILE B 155 -8.77 -9.92 -12.22
CA ILE B 155 -8.31 -8.51 -12.22
C ILE B 155 -7.20 -8.25 -13.21
N TYR B 156 -6.24 -9.16 -13.28
CA TYR B 156 -5.07 -9.01 -14.14
C TYR B 156 -5.26 -9.49 -15.57
N TYR B 157 -6.05 -10.57 -15.78
CA TYR B 157 -6.19 -11.19 -17.09
C TYR B 157 -7.59 -11.40 -17.61
N ASN B 158 -8.63 -11.17 -16.76
CA ASN B 158 -10.04 -11.37 -17.10
C ASN B 158 -10.28 -12.85 -17.45
N LYS B 159 -9.53 -13.72 -16.75
CA LYS B 159 -9.52 -15.15 -16.93
C LYS B 159 -10.00 -15.88 -15.69
N SER B 160 -10.51 -17.11 -15.89
CA SER B 160 -10.86 -18.02 -14.80
C SER B 160 -9.51 -18.71 -14.46
N ILE B 161 -9.36 -19.35 -13.28
CA ILE B 161 -8.08 -20.00 -12.97
C ILE B 161 -7.67 -21.10 -13.97
N ASN B 162 -8.65 -21.70 -14.64
CA ASN B 162 -8.49 -22.75 -15.66
C ASN B 162 -7.81 -22.18 -16.93
N GLU B 163 -8.18 -20.96 -17.30
CA GLU B 163 -7.70 -20.27 -18.49
C GLU B 163 -6.26 -19.75 -18.41
N LEU B 164 -5.70 -19.66 -17.20
CA LEU B 164 -4.34 -19.13 -17.07
C LEU B 164 -3.32 -20.06 -17.69
N SER B 165 -2.29 -19.43 -18.30
CA SER B 165 -1.15 -20.13 -18.90
C SER B 165 -0.05 -20.35 -17.83
N ILE B 166 0.90 -21.29 -18.08
CA ILE B 166 2.01 -21.57 -17.15
C ILE B 166 2.66 -20.25 -16.71
N ALA B 167 2.98 -19.36 -17.69
CA ALA B 167 3.58 -18.04 -17.48
C ALA B 167 2.71 -17.16 -16.56
N GLN B 168 1.37 -17.17 -16.75
CA GLN B 168 0.46 -16.36 -15.92
C GLN B 168 0.34 -16.90 -14.50
N MET B 169 0.34 -18.24 -14.35
CA MET B 169 0.29 -18.92 -13.07
C MET B 169 1.53 -18.61 -12.23
N ALA B 170 2.72 -18.55 -12.88
CA ALA B 170 3.99 -18.24 -12.20
C ALA B 170 4.06 -16.75 -11.87
N MET B 171 3.42 -15.90 -12.69
CA MET B 171 3.34 -14.45 -12.49
C MET B 171 2.55 -14.15 -11.20
N ILE B 172 1.41 -14.85 -11.00
CA ILE B 172 0.57 -14.74 -9.81
C ILE B 172 1.28 -15.31 -8.55
N ALA B 173 1.95 -16.46 -8.70
CA ALA B 173 2.65 -17.17 -7.63
C ALA B 173 3.81 -16.39 -7.02
N GLY B 174 4.32 -15.41 -7.76
CA GLY B 174 5.43 -14.55 -7.35
C GLY B 174 5.04 -13.32 -6.59
N LEU B 175 3.77 -12.94 -6.65
CA LEU B 175 3.25 -11.74 -6.00
C LEU B 175 3.08 -11.82 -4.46
N PRO B 176 2.70 -12.94 -3.80
CA PRO B 176 2.46 -12.89 -2.35
C PRO B 176 3.50 -12.20 -1.47
N LYS B 177 4.80 -12.50 -1.70
CA LYS B 177 5.96 -11.99 -0.97
C LYS B 177 5.91 -10.45 -0.84
N ALA B 178 5.77 -9.74 -1.98
CA ALA B 178 5.66 -8.27 -2.05
C ALA B 178 4.76 -7.93 -3.26
N PRO B 179 3.42 -7.78 -3.05
CA PRO B 179 2.52 -7.54 -4.20
C PRO B 179 2.71 -6.21 -4.92
N SER B 180 3.35 -5.23 -4.27
CA SER B 180 3.59 -3.92 -4.89
C SER B 180 4.97 -3.87 -5.58
N LYS B 181 5.98 -4.54 -5.00
CA LYS B 181 7.33 -4.60 -5.55
C LYS B 181 7.39 -5.53 -6.79
N TYR B 182 6.59 -6.62 -6.77
CA TYR B 182 6.55 -7.60 -7.84
C TYR B 182 5.36 -7.44 -8.80
N ASN B 183 4.53 -6.39 -8.62
CA ASN B 183 3.32 -6.12 -9.41
C ASN B 183 3.58 -6.01 -10.94
N PRO B 184 2.81 -6.74 -11.81
CA PRO B 184 3.04 -6.61 -13.26
C PRO B 184 2.67 -5.24 -13.82
N VAL B 185 1.76 -4.50 -13.15
CA VAL B 185 1.30 -3.18 -13.57
C VAL B 185 2.36 -2.09 -13.30
N VAL B 186 2.78 -1.92 -12.03
CA VAL B 186 3.76 -0.91 -11.61
C VAL B 186 5.26 -1.29 -11.86
N ASN B 187 5.64 -2.56 -11.63
CA ASN B 187 7.02 -3.01 -11.87
C ASN B 187 7.06 -4.16 -12.89
N PRO B 188 6.83 -3.93 -14.21
CA PRO B 188 6.83 -5.06 -15.16
C PRO B 188 8.19 -5.74 -15.30
N GLU B 189 9.29 -4.97 -15.27
CA GLU B 189 10.67 -5.48 -15.37
C GLU B 189 10.96 -6.43 -14.21
N ARG B 190 10.80 -5.92 -12.95
CA ARG B 190 11.00 -6.66 -11.70
C ARG B 190 10.12 -7.92 -11.63
N ALA B 191 8.87 -7.83 -12.13
CA ALA B 191 7.87 -8.91 -12.16
C ALA B 191 8.30 -10.08 -13.04
N LEU B 192 8.79 -9.79 -14.27
CA LEU B 192 9.25 -10.79 -15.22
C LEU B 192 10.49 -11.51 -14.72
N GLU B 193 11.36 -10.80 -13.96
CA GLU B 193 12.55 -11.37 -13.34
C GLU B 193 12.11 -12.49 -12.38
N ARG B 194 11.07 -12.21 -11.56
CA ARG B 194 10.48 -13.13 -10.58
C ARG B 194 9.78 -14.32 -11.28
N ARG B 195 8.90 -14.03 -12.28
CA ARG B 195 8.14 -15.03 -13.03
C ARG B 195 9.04 -16.07 -13.68
N ASN B 196 10.06 -15.61 -14.44
CA ASN B 196 11.03 -16.45 -15.14
C ASN B 196 11.80 -17.36 -14.18
N TRP B 197 12.19 -16.84 -12.99
CA TRP B 197 12.92 -17.61 -11.97
C TRP B 197 12.09 -18.78 -11.45
N ILE B 198 10.78 -18.52 -11.18
CA ILE B 198 9.80 -19.50 -10.69
C ILE B 198 9.63 -20.59 -11.74
N LEU B 199 9.55 -20.17 -13.02
CA LEU B 199 9.46 -21.05 -14.19
C LEU B 199 10.72 -21.93 -14.28
N GLY B 200 11.89 -21.33 -14.03
CA GLY B 200 13.18 -22.01 -14.00
C GLY B 200 13.25 -23.02 -12.86
N ARG B 201 12.66 -22.63 -11.70
CA ARG B 201 12.58 -23.50 -10.52
C ARG B 201 11.48 -24.59 -10.72
N MET B 202 10.48 -24.31 -11.60
CA MET B 202 9.39 -25.23 -11.94
C MET B 202 9.98 -26.32 -12.83
N LEU B 203 10.83 -25.89 -13.79
CA LEU B 203 11.54 -26.76 -14.73
C LEU B 203 12.42 -27.75 -13.96
N GLN B 204 13.30 -27.22 -13.07
CA GLN B 204 14.21 -27.99 -12.24
C GLN B 204 13.51 -29.04 -11.39
N LEU B 205 12.33 -28.71 -10.83
CA LEU B 205 11.57 -29.62 -9.98
C LEU B 205 10.83 -30.72 -10.76
N GLY B 206 10.79 -30.58 -12.08
CA GLY B 206 10.12 -31.51 -12.98
C GLY B 206 8.64 -31.21 -13.12
N TYR B 207 8.19 -30.04 -12.62
CA TYR B 207 6.79 -29.62 -12.70
C TYR B 207 6.39 -29.32 -14.14
N ILE B 208 7.33 -28.75 -14.91
CA ILE B 208 7.10 -28.40 -16.31
C ILE B 208 8.18 -28.99 -17.22
N SER B 209 7.80 -29.26 -18.48
CA SER B 209 8.67 -29.78 -19.52
C SER B 209 9.61 -28.65 -20.02
N GLN B 210 10.63 -29.01 -20.81
CA GLN B 210 11.56 -28.05 -21.39
C GLN B 210 10.87 -27.17 -22.43
N ALA B 211 9.86 -27.74 -23.13
CA ALA B 211 9.06 -27.09 -24.16
C ALA B 211 8.12 -26.08 -23.53
N GLU B 212 7.44 -26.49 -22.43
CA GLU B 212 6.55 -25.63 -21.67
C GLU B 212 7.34 -24.42 -21.22
N TYR B 213 8.49 -24.67 -20.54
CA TYR B 213 9.42 -23.65 -20.06
C TYR B 213 9.86 -22.65 -21.15
N GLN B 214 10.20 -23.17 -22.35
CA GLN B 214 10.65 -22.32 -23.45
C GLN B 214 9.58 -21.33 -23.95
N LYS B 215 8.30 -21.77 -24.00
CA LYS B 215 7.20 -20.89 -24.39
C LYS B 215 6.89 -19.91 -23.24
N ALA B 216 6.70 -20.43 -22.01
CA ALA B 216 6.38 -19.68 -20.81
C ALA B 216 7.32 -18.51 -20.54
N VAL B 217 8.64 -18.75 -20.60
CA VAL B 217 9.68 -17.74 -20.39
C VAL B 217 9.62 -16.62 -21.47
N ALA B 218 9.30 -17.00 -22.73
CA ALA B 218 9.20 -16.11 -23.90
C ALA B 218 7.91 -15.32 -23.98
N GLU B 219 6.87 -15.75 -23.24
CA GLU B 219 5.56 -15.10 -23.19
C GLU B 219 5.63 -13.66 -22.62
N PRO B 220 4.96 -12.66 -23.25
CA PRO B 220 4.99 -11.29 -22.66
C PRO B 220 4.01 -11.15 -21.47
N ILE B 221 3.98 -9.95 -20.83
CA ILE B 221 3.09 -9.68 -19.68
C ILE B 221 1.65 -10.18 -19.86
N ASN B 222 1.06 -9.95 -21.06
CA ASN B 222 -0.28 -10.37 -21.48
C ASN B 222 -1.42 -9.92 -20.57
N LEU B 223 -1.22 -8.77 -19.89
CA LEU B 223 -2.23 -8.18 -19.01
C LEU B 223 -3.47 -7.86 -19.81
N ASN B 224 -4.62 -8.35 -19.35
CA ASN B 224 -5.92 -8.08 -19.97
C ASN B 224 -6.86 -7.66 -18.86
N MET B 225 -6.51 -6.56 -18.20
CA MET B 225 -7.19 -6.01 -17.04
C MET B 225 -8.56 -5.46 -17.36
N PRO B 226 -9.66 -6.12 -16.91
CA PRO B 226 -10.99 -5.56 -17.19
C PRO B 226 -11.25 -4.28 -16.37
N ASN B 227 -12.22 -3.47 -16.83
CA ASN B 227 -12.58 -2.27 -16.08
C ASN B 227 -13.59 -2.66 -15.02
N ARG B 228 -13.25 -2.36 -13.79
CA ARG B 228 -14.15 -2.69 -12.71
C ARG B 228 -14.98 -1.46 -12.27
N ASP B 229 -14.86 -0.36 -13.03
CA ASP B 229 -15.64 0.84 -12.80
C ASP B 229 -16.60 1.00 -13.95
N LEU B 230 -17.79 0.38 -13.88
CA LEU B 230 -18.78 0.53 -14.96
C LEU B 230 -19.50 1.85 -14.80
N ASN B 231 -19.28 2.78 -15.72
CA ASN B 231 -19.87 4.12 -15.65
C ASN B 231 -20.08 4.66 -17.05
N ASN B 232 -21.02 4.07 -17.78
CA ASN B 232 -21.18 4.46 -19.19
C ASN B 232 -22.52 5.10 -19.57
N ILE B 233 -23.33 5.46 -18.57
CA ILE B 233 -24.65 6.04 -18.83
C ILE B 233 -24.64 7.53 -18.62
N HIS B 234 -24.41 7.99 -17.40
CA HIS B 234 -24.33 9.43 -17.08
C HIS B 234 -23.02 9.63 -16.36
N PRO B 235 -21.88 9.57 -17.11
CA PRO B 235 -20.55 9.54 -16.47
C PRO B 235 -20.18 10.51 -15.35
N TYR B 236 -20.58 11.79 -15.46
CA TYR B 236 -20.29 12.80 -14.42
C TYR B 236 -21.06 12.55 -13.15
N ALA B 237 -22.28 12.00 -13.28
CA ALA B 237 -23.13 11.66 -12.12
C ALA B 237 -22.54 10.45 -11.35
N GLY B 238 -22.13 9.41 -12.07
CA GLY B 238 -21.52 8.23 -11.46
C GLY B 238 -20.23 8.56 -10.72
N GLU B 239 -19.30 9.27 -11.40
CA GLU B 239 -18.01 9.70 -10.87
C GLU B 239 -18.14 10.62 -9.69
N MET B 240 -19.15 11.49 -9.70
CA MET B 240 -19.42 12.41 -8.58
C MET B 240 -19.53 11.64 -7.27
N VAL B 241 -20.24 10.51 -7.31
CA VAL B 241 -20.44 9.61 -6.17
C VAL B 241 -19.16 8.94 -5.75
N ARG B 242 -18.46 8.27 -6.70
CA ARG B 242 -17.22 7.55 -6.43
C ARG B 242 -16.19 8.47 -5.87
N SER B 243 -15.91 9.59 -6.58
CA SER B 243 -14.86 10.53 -6.20
C SER B 243 -15.07 11.21 -4.83
N GLU B 244 -16.32 11.58 -4.52
CA GLU B 244 -16.68 12.20 -3.25
C GLU B 244 -16.62 11.20 -2.13
N LEU B 245 -17.05 9.95 -2.36
CA LEU B 245 -16.96 8.97 -1.28
C LEU B 245 -15.52 8.74 -0.88
N VAL B 246 -14.64 8.53 -1.89
CA VAL B 246 -13.20 8.26 -1.74
C VAL B 246 -12.44 9.43 -1.10
N LYS B 247 -12.81 10.67 -1.42
CA LYS B 247 -12.16 11.87 -0.86
C LYS B 247 -12.38 12.00 0.64
N HIS B 248 -13.60 11.75 1.11
CA HIS B 248 -14.02 11.88 2.50
C HIS B 248 -13.83 10.62 3.34
N PHE B 249 -14.03 9.44 2.73
CA PHE B 249 -13.94 8.19 3.52
C PHE B 249 -12.86 7.22 3.10
N GLY B 250 -12.05 7.59 2.10
CA GLY B 250 -11.00 6.75 1.53
C GLY B 250 -11.51 5.58 0.69
N GLU B 251 -10.59 4.78 0.15
CA GLU B 251 -10.95 3.64 -0.70
C GLU B 251 -11.92 2.56 -0.11
N GLN B 252 -11.96 2.37 1.22
CA GLN B 252 -12.87 1.41 1.90
C GLN B 252 -14.35 1.74 1.66
N ALA B 253 -14.64 2.99 1.22
CA ALA B 253 -15.99 3.47 0.90
C ALA B 253 -16.61 2.68 -0.27
N ILE B 254 -15.76 2.21 -1.19
CA ILE B 254 -16.19 1.43 -2.33
C ILE B 254 -16.45 -0.01 -1.90
N ASP B 255 -15.60 -0.58 -1.04
CA ASP B 255 -15.67 -1.95 -0.54
C ASP B 255 -16.97 -2.33 0.21
N SER B 256 -17.76 -1.34 0.62
CA SER B 256 -18.99 -1.48 1.39
C SER B 256 -20.13 -2.27 0.69
N GLY B 257 -20.21 -2.21 -0.65
CA GLY B 257 -21.24 -2.88 -1.45
C GLY B 257 -22.62 -2.21 -1.44
N TYR B 258 -22.67 -0.98 -0.90
CA TYR B 258 -23.86 -0.18 -0.77
C TYR B 258 -24.49 0.24 -2.12
N LYS B 259 -25.81 0.51 -2.10
CA LYS B 259 -26.57 1.03 -3.22
C LYS B 259 -26.81 2.48 -2.89
N VAL B 260 -26.26 3.38 -3.68
CA VAL B 260 -26.39 4.82 -3.46
C VAL B 260 -27.43 5.35 -4.42
N TYR B 261 -28.51 5.92 -3.85
CA TYR B 261 -29.64 6.47 -4.59
C TYR B 261 -29.52 7.97 -4.58
N THR B 262 -29.16 8.53 -5.73
CA THR B 262 -28.92 9.96 -5.89
C THR B 262 -30.18 10.78 -6.14
N THR B 263 -30.02 12.11 -6.13
CA THR B 263 -31.03 13.14 -6.38
C THR B 263 -31.04 13.49 -7.87
N ILE B 264 -30.19 12.84 -8.68
CA ILE B 264 -30.03 13.04 -10.11
C ILE B 264 -31.28 12.64 -10.93
N ASN B 265 -31.84 13.63 -11.67
CA ASN B 265 -32.96 13.38 -12.55
C ASN B 265 -32.34 12.98 -13.90
N ALA B 266 -32.61 11.73 -14.35
CA ALA B 266 -31.99 11.15 -15.56
C ALA B 266 -32.35 11.85 -16.89
N LYS B 267 -33.55 12.38 -16.98
CA LYS B 267 -34.01 13.10 -18.15
C LYS B 267 -33.28 14.46 -18.16
N ARG B 268 -33.35 15.18 -17.04
CA ARG B 268 -32.68 16.48 -16.92
C ARG B 268 -31.17 16.35 -17.14
N GLN B 269 -30.54 15.25 -16.62
CA GLN B 269 -29.13 14.89 -16.79
C GLN B 269 -28.80 14.66 -18.27
N ALA B 270 -29.59 13.84 -18.95
CA ALA B 270 -29.47 13.59 -20.40
C ALA B 270 -29.55 14.92 -21.19
N ILE B 271 -30.52 15.84 -20.82
CA ILE B 271 -30.68 17.17 -21.45
C ILE B 271 -29.40 18.00 -21.30
N ALA B 272 -28.92 18.16 -20.03
CA ALA B 272 -27.72 18.93 -19.64
C ALA B 272 -26.49 18.45 -20.41
N GLU B 273 -26.31 17.13 -20.54
CA GLU B 273 -25.18 16.51 -21.25
C GLU B 273 -25.15 16.95 -22.72
N LYS B 274 -26.35 16.91 -23.37
CA LYS B 274 -26.56 17.28 -24.77
C LYS B 274 -26.40 18.77 -25.01
N ALA B 275 -26.86 19.58 -24.07
CA ALA B 275 -26.85 21.03 -24.12
C ALA B 275 -25.45 21.59 -24.06
N VAL B 276 -24.62 21.05 -23.15
CA VAL B 276 -23.23 21.45 -22.92
C VAL B 276 -22.45 21.02 -24.15
N GLN B 277 -22.65 19.78 -24.59
CA GLN B 277 -21.99 19.29 -25.82
C GLN B 277 -22.28 20.20 -27.04
N ASP B 278 -23.56 20.58 -27.24
CA ASP B 278 -24.00 21.45 -28.35
C ASP B 278 -23.49 22.87 -28.22
N GLY B 279 -23.53 23.39 -26.99
CA GLY B 279 -23.09 24.74 -26.66
C GLY B 279 -21.62 24.95 -26.93
N LEU B 280 -20.79 23.97 -26.53
CA LEU B 280 -19.35 24.03 -26.73
C LEU B 280 -18.99 23.85 -28.20
N GLU B 281 -19.73 23.03 -28.91
CA GLU B 281 -19.49 22.85 -30.35
C GLU B 281 -19.89 24.10 -31.15
N ALA B 282 -21.02 24.73 -30.82
CA ALA B 282 -21.48 25.99 -31.45
C ALA B 282 -20.36 27.04 -31.29
N TYR B 283 -19.84 27.22 -30.07
CA TYR B 283 -18.72 28.14 -29.81
C TYR B 283 -17.55 27.73 -30.69
N ASP B 284 -17.21 26.44 -30.66
CA ASP B 284 -16.07 25.91 -31.39
C ASP B 284 -16.12 26.15 -32.91
N ARG B 285 -17.25 25.84 -33.56
CA ARG B 285 -17.42 26.01 -35.00
C ARG B 285 -17.31 27.46 -35.43
N ARG B 286 -17.88 28.40 -34.66
CA ARG B 286 -17.75 29.81 -35.00
C ARG B 286 -16.33 30.33 -34.86
N HIS B 287 -15.52 29.67 -34.03
CA HIS B 287 -14.13 30.04 -33.84
C HIS B 287 -13.21 29.39 -34.89
N GLY B 288 -13.78 28.45 -35.67
CA GLY B 288 -13.10 27.81 -36.80
C GLY B 288 -12.41 26.47 -36.59
N TRP B 289 -12.02 25.89 -37.74
CA TRP B 289 -11.31 24.63 -37.91
C TRP B 289 -9.85 24.85 -37.54
N ARG B 290 -9.38 24.04 -36.58
CA ARG B 290 -8.00 24.07 -36.07
C ARG B 290 -7.07 23.01 -36.71
N GLY B 291 -7.55 22.29 -37.71
CA GLY B 291 -6.78 21.25 -38.37
C GLY B 291 -7.03 19.89 -37.76
N ALA B 292 -6.55 18.84 -38.41
CA ALA B 292 -6.65 17.46 -37.93
C ALA B 292 -5.86 17.31 -36.61
N GLU B 293 -6.39 16.50 -35.65
CA GLU B 293 -5.72 16.28 -34.34
C GLU B 293 -4.36 15.57 -34.40
N ALA B 294 -4.07 14.88 -35.51
CA ALA B 294 -2.83 14.16 -35.75
C ALA B 294 -2.69 13.87 -37.24
N HIS B 295 -1.43 13.66 -37.68
CA HIS B 295 -1.12 13.33 -39.07
C HIS B 295 -0.11 12.21 -39.10
N ASP B 296 -0.33 11.22 -40.00
CA ASP B 296 0.52 10.04 -40.24
C ASP B 296 0.90 9.30 -38.94
N LYS B 297 -0.14 9.01 -38.14
CA LYS B 297 -0.10 8.29 -36.86
C LYS B 297 -1.17 7.19 -36.90
N PRO B 298 -1.02 6.07 -36.15
CA PRO B 298 -2.00 4.98 -36.30
C PRO B 298 -3.37 5.23 -35.70
N LEU B 299 -4.42 5.09 -36.54
CA LEU B 299 -5.85 5.23 -36.23
C LEU B 299 -6.29 4.43 -35.00
N SER B 300 -5.64 3.27 -34.78
CA SER B 300 -5.83 2.36 -33.64
C SER B 300 -5.50 3.06 -32.31
N GLU B 301 -4.59 4.06 -32.35
CA GLU B 301 -4.18 4.84 -31.17
C GLU B 301 -5.19 5.93 -30.72
N PHE B 302 -6.33 6.12 -31.46
CA PHE B 302 -7.37 7.11 -31.14
C PHE B 302 -8.67 6.46 -30.71
N ARG B 303 -9.55 7.20 -30.00
CA ARG B 303 -10.80 6.63 -29.50
C ARG B 303 -12.03 7.50 -29.75
N ALA B 304 -13.19 6.86 -29.99
CA ALA B 304 -14.47 7.54 -30.21
C ALA B 304 -15.12 8.02 -28.92
N TYR B 305 -15.73 9.23 -28.96
CA TYR B 305 -16.43 9.86 -27.84
C TYR B 305 -17.26 11.06 -28.29
N ALA B 306 -18.31 11.41 -27.53
CA ALA B 306 -19.19 12.56 -27.78
C ALA B 306 -19.74 12.55 -29.22
N ASN B 307 -19.99 11.34 -29.74
CA ASN B 307 -20.50 11.05 -31.07
C ASN B 307 -19.57 11.60 -32.17
N THR B 308 -18.28 11.40 -31.96
CA THR B 308 -17.21 11.77 -32.88
C THR B 308 -16.43 10.50 -33.05
N TYR B 309 -16.10 10.22 -34.31
CA TYR B 309 -15.42 8.97 -34.63
C TYR B 309 -14.14 9.23 -35.34
N PRO B 310 -12.99 8.71 -34.81
CA PRO B 310 -11.71 8.91 -35.49
C PRO B 310 -11.70 8.30 -36.88
N ALA B 311 -11.06 8.98 -37.83
CA ALA B 311 -10.93 8.52 -39.20
C ALA B 311 -9.66 9.06 -39.81
N GLN B 312 -9.12 8.29 -40.76
CA GLN B 312 -7.89 8.57 -41.51
C GLN B 312 -8.28 9.00 -42.93
N VAL B 313 -7.82 10.18 -43.39
CA VAL B 313 -8.14 10.65 -44.76
C VAL B 313 -7.30 9.82 -45.74
N THR B 314 -7.95 9.23 -46.75
CA THR B 314 -7.29 8.35 -47.73
C THR B 314 -7.26 8.94 -49.12
N LYS B 315 -8.24 9.80 -49.44
CA LYS B 315 -8.37 10.48 -50.74
C LYS B 315 -8.97 11.85 -50.52
N VAL B 316 -8.47 12.86 -51.27
CA VAL B 316 -8.94 14.25 -51.23
C VAL B 316 -9.34 14.66 -52.65
N ASN B 317 -10.58 15.13 -52.81
CA ASN B 317 -11.11 15.59 -54.08
C ASN B 317 -11.36 17.10 -54.00
N SER B 318 -11.98 17.68 -55.04
CA SER B 318 -12.17 19.12 -55.03
C SER B 318 -13.18 19.58 -53.99
N SER B 319 -14.33 18.88 -53.90
CA SER B 319 -15.44 19.16 -52.99
C SER B 319 -15.72 18.05 -51.99
N SER B 320 -14.90 17.01 -51.96
CA SER B 320 -15.14 15.85 -51.10
C SER B 320 -13.87 15.19 -50.65
N PHE B 321 -13.94 14.37 -49.60
CA PHE B 321 -12.81 13.55 -49.17
C PHE B 321 -13.27 12.15 -48.74
N GLU B 322 -12.35 11.17 -48.79
CA GLU B 322 -12.58 9.77 -48.38
C GLU B 322 -11.81 9.51 -47.13
N ALA B 323 -12.40 8.75 -46.20
CA ALA B 323 -11.77 8.43 -44.92
C ALA B 323 -12.00 6.99 -44.47
N LEU B 324 -10.98 6.40 -43.85
CA LEU B 324 -11.01 5.06 -43.30
C LEU B 324 -11.41 5.10 -41.83
N MET B 325 -12.54 4.45 -41.51
CA MET B 325 -13.06 4.36 -40.15
C MET B 325 -12.33 3.26 -39.37
N GLN B 326 -12.47 3.26 -38.01
CA GLN B 326 -11.88 2.27 -37.10
C GLN B 326 -12.34 0.80 -37.30
N ASP B 327 -13.33 0.56 -38.18
CA ASP B 327 -13.88 -0.75 -38.49
C ASP B 327 -13.49 -1.25 -39.91
N GLY B 328 -12.63 -0.49 -40.60
CA GLY B 328 -12.16 -0.79 -41.93
C GLY B 328 -13.07 -0.34 -43.06
N SER B 329 -14.17 0.35 -42.75
CA SER B 329 -15.04 0.84 -43.83
C SER B 329 -14.62 2.25 -44.30
N THR B 330 -14.77 2.49 -45.62
CA THR B 330 -14.43 3.75 -46.27
C THR B 330 -15.68 4.60 -46.43
N VAL B 331 -15.62 5.85 -45.94
CA VAL B 331 -16.71 6.81 -46.00
C VAL B 331 -16.34 8.03 -46.83
N THR B 332 -17.34 8.67 -47.42
CA THR B 332 -17.15 9.90 -48.15
C THR B 332 -17.85 11.03 -47.38
N VAL B 333 -17.15 12.15 -47.27
CA VAL B 333 -17.63 13.40 -46.69
C VAL B 333 -17.71 14.32 -47.87
N GLN B 334 -18.93 14.75 -48.18
CA GLN B 334 -19.28 15.68 -49.25
C GLN B 334 -19.13 17.10 -48.72
N TRP B 335 -19.11 18.08 -49.62
CA TRP B 335 -18.91 19.50 -49.33
C TRP B 335 -19.67 20.07 -48.16
N SER B 336 -21.00 19.82 -48.11
CA SER B 336 -21.89 20.31 -47.07
C SER B 336 -21.48 19.86 -45.70
N GLY B 337 -20.70 18.77 -45.64
CA GLY B 337 -20.18 18.17 -44.42
C GLY B 337 -18.94 18.82 -43.83
N MET B 338 -18.19 19.61 -44.63
CA MET B 338 -16.94 20.26 -44.23
C MET B 338 -16.90 21.79 -44.51
N SER B 339 -17.81 22.32 -45.37
CA SER B 339 -17.84 23.73 -45.77
C SER B 339 -17.76 24.81 -44.66
N TRP B 340 -18.16 24.47 -43.43
CA TRP B 340 -18.12 25.36 -42.25
C TRP B 340 -16.67 25.70 -41.84
N ALA B 341 -15.73 24.82 -42.21
CA ALA B 341 -14.33 24.84 -41.83
C ALA B 341 -13.47 26.04 -42.22
N ARG B 342 -13.92 27.27 -41.86
CA ARG B 342 -13.13 28.52 -42.00
C ARG B 342 -11.92 28.28 -41.07
N PRO B 343 -10.68 28.60 -41.48
CA PRO B 343 -9.53 28.35 -40.60
C PRO B 343 -9.50 29.27 -39.40
N TYR B 344 -9.31 28.70 -38.22
CA TYR B 344 -9.12 29.43 -36.97
C TYR B 344 -7.82 30.24 -37.08
N ARG B 345 -7.81 31.50 -36.63
CA ARG B 345 -6.54 32.26 -36.63
C ARG B 345 -6.20 32.55 -35.15
N ASN B 346 -7.17 33.04 -34.42
CA ASN B 346 -7.09 33.25 -32.97
C ASN B 346 -8.52 33.40 -32.50
N ALA B 347 -8.75 33.61 -31.21
CA ALA B 347 -10.11 33.79 -30.64
C ALA B 347 -10.90 34.91 -31.28
N ASN B 348 -10.21 35.89 -31.84
CA ASN B 348 -10.80 37.06 -32.48
C ASN B 348 -10.68 37.10 -33.99
N SER B 349 -10.35 35.98 -34.64
CA SER B 349 -10.14 35.96 -36.09
C SER B 349 -10.27 34.57 -36.71
N VAL B 350 -11.04 34.48 -37.80
CA VAL B 350 -11.17 33.28 -38.65
C VAL B 350 -10.78 33.70 -40.06
N GLY B 351 -10.23 32.78 -40.82
CA GLY B 351 -9.92 33.00 -42.22
C GLY B 351 -11.18 32.94 -43.05
N ALA B 352 -11.03 33.05 -44.37
CA ALA B 352 -12.17 33.02 -45.28
C ALA B 352 -12.71 31.59 -45.40
N ALA B 353 -14.02 31.46 -45.75
CA ALA B 353 -14.65 30.16 -46.02
C ALA B 353 -13.75 29.33 -46.97
N PRO B 354 -13.57 28.01 -46.69
CA PRO B 354 -12.68 27.22 -47.57
C PRO B 354 -13.27 27.14 -48.97
N SER B 355 -12.43 27.26 -50.00
CA SER B 355 -12.85 27.17 -51.41
C SER B 355 -12.70 25.77 -52.00
N ARG B 356 -12.03 24.84 -51.28
CA ARG B 356 -11.79 23.44 -51.72
C ARG B 356 -11.47 22.53 -50.53
N ALA B 357 -11.70 21.20 -50.67
CA ALA B 357 -11.43 20.20 -49.61
C ALA B 357 -9.96 20.15 -49.19
N SER B 358 -9.04 20.41 -50.14
CA SER B 358 -7.58 20.41 -49.97
C SER B 358 -7.09 21.44 -48.97
N GLN B 359 -7.89 22.51 -48.72
CA GLN B 359 -7.54 23.56 -47.75
C GLN B 359 -7.89 23.13 -46.33
N ILE B 360 -8.76 22.13 -46.18
CA ILE B 360 -9.21 21.64 -44.89
C ILE B 360 -8.45 20.38 -44.44
N VAL B 361 -8.24 19.43 -45.36
CA VAL B 361 -7.65 18.13 -45.07
C VAL B 361 -6.53 17.72 -46.03
N LYS B 362 -5.63 16.86 -45.49
CA LYS B 362 -4.49 16.23 -46.16
C LYS B 362 -4.70 14.71 -46.09
N VAL B 363 -4.21 13.96 -47.10
CA VAL B 363 -4.26 12.49 -47.04
C VAL B 363 -3.31 12.08 -45.90
N LYS B 364 -3.74 11.12 -45.04
CA LYS B 364 -3.05 10.59 -43.86
C LYS B 364 -3.42 11.37 -42.58
N ASP B 365 -4.27 12.41 -42.69
CA ASP B 365 -4.74 13.18 -41.53
C ASP B 365 -5.70 12.34 -40.65
N ILE B 366 -5.68 12.58 -39.33
CA ILE B 366 -6.61 11.92 -38.39
C ILE B 366 -7.67 12.97 -38.03
N VAL B 367 -8.86 12.79 -38.59
CA VAL B 367 -10.00 13.69 -38.40
C VAL B 367 -11.10 13.01 -37.60
N ARG B 368 -12.11 13.79 -37.19
CA ARG B 368 -13.24 13.29 -36.42
C ARG B 368 -14.49 13.48 -37.23
N LEU B 369 -15.19 12.38 -37.48
CA LEU B 369 -16.41 12.40 -38.26
C LEU B 369 -17.64 12.11 -37.42
N ARG B 370 -18.80 12.61 -37.85
CA ARG B 370 -20.05 12.32 -37.17
C ARG B 370 -21.08 11.88 -38.22
N PRO B 371 -21.79 10.75 -37.97
CA PRO B 371 -22.82 10.32 -38.93
C PRO B 371 -24.17 10.96 -38.60
N ASN B 372 -25.15 10.85 -39.51
CA ASN B 372 -26.51 11.28 -39.19
C ASN B 372 -27.21 10.05 -38.54
N GLU B 373 -28.48 10.19 -38.13
CA GLU B 373 -29.26 9.12 -37.49
C GLU B 373 -29.29 7.83 -38.34
N ALA B 374 -29.46 7.98 -39.66
CA ALA B 374 -29.54 6.91 -40.65
C ALA B 374 -28.17 6.33 -41.01
N LYS B 375 -27.06 7.06 -40.71
CA LYS B 375 -25.67 6.68 -41.02
C LYS B 375 -25.47 6.64 -42.58
N THR B 376 -26.20 7.51 -43.29
CA THR B 376 -26.19 7.61 -44.76
C THR B 376 -25.41 8.82 -45.24
N ALA B 377 -24.91 9.63 -44.29
CA ALA B 377 -24.18 10.87 -44.52
C ALA B 377 -23.26 11.15 -43.33
N TRP B 378 -22.07 11.66 -43.64
CA TRP B 378 -21.05 11.97 -42.65
C TRP B 378 -20.62 13.40 -42.76
N SER B 379 -20.27 14.00 -41.62
CA SER B 379 -19.75 15.35 -41.55
C SER B 379 -18.42 15.36 -40.79
N LEU B 380 -17.59 16.33 -41.12
CA LEU B 380 -16.32 16.56 -40.50
C LEU B 380 -16.69 17.38 -39.29
N VAL B 381 -16.32 16.88 -38.13
CA VAL B 381 -16.60 17.54 -36.86
C VAL B 381 -15.27 17.88 -36.14
N GLN B 382 -15.36 18.50 -34.98
CA GLN B 382 -14.18 18.87 -34.22
C GLN B 382 -14.50 18.82 -32.75
N VAL B 383 -13.58 18.22 -31.95
CA VAL B 383 -13.74 18.26 -30.51
C VAL B 383 -13.39 19.72 -30.12
N PRO B 384 -14.25 20.43 -29.38
CA PRO B 384 -13.86 21.78 -28.90
C PRO B 384 -12.60 21.72 -28.02
N LYS B 385 -11.81 22.80 -27.98
CA LYS B 385 -10.66 22.93 -27.07
C LYS B 385 -11.17 23.66 -25.83
N VAL B 386 -12.24 24.41 -26.00
CA VAL B 386 -12.92 25.14 -24.94
C VAL B 386 -13.63 24.14 -24.04
N GLN B 387 -13.82 24.53 -22.78
CA GLN B 387 -14.51 23.72 -21.81
C GLN B 387 -15.80 24.37 -21.34
N GLY B 388 -16.56 23.62 -20.58
CA GLY B 388 -17.80 24.08 -20.02
C GLY B 388 -18.31 23.13 -18.97
N GLN B 389 -19.33 23.56 -18.26
CA GLN B 389 -19.98 22.80 -17.23
C GLN B 389 -21.41 23.30 -17.05
N LEU B 390 -22.25 22.50 -16.38
CA LEU B 390 -23.60 22.87 -15.98
C LEU B 390 -23.85 22.27 -14.61
N ILE B 391 -24.48 23.02 -13.74
CA ILE B 391 -24.95 22.49 -12.46
C ILE B 391 -26.39 22.99 -12.25
N ALA B 392 -27.32 22.07 -11.87
CA ALA B 392 -28.72 22.33 -11.64
C ALA B 392 -29.16 21.72 -10.30
N ILE B 393 -29.67 22.57 -9.44
CA ILE B 393 -30.13 22.18 -8.12
C ILE B 393 -31.55 22.67 -7.88
N ASN B 394 -32.21 22.01 -6.93
CA ASN B 394 -33.51 22.40 -6.47
C ASN B 394 -33.25 23.50 -5.41
N PRO B 395 -33.80 24.72 -5.58
CA PRO B 395 -33.53 25.78 -4.61
C PRO B 395 -34.19 25.58 -3.24
N ASN B 396 -35.23 24.73 -3.17
CA ASN B 396 -35.91 24.46 -1.91
C ASN B 396 -35.10 23.58 -0.96
N ASP B 397 -34.34 22.60 -1.50
CA ASP B 397 -33.57 21.69 -0.69
C ASP B 397 -32.08 21.50 -1.08
N GLY B 398 -31.65 22.04 -2.21
CA GLY B 398 -30.26 21.92 -2.64
C GLY B 398 -29.92 20.62 -3.34
N SER B 399 -30.92 19.83 -3.74
CA SER B 399 -30.77 18.56 -4.46
C SER B 399 -30.16 18.81 -5.82
N ILE B 400 -29.09 18.11 -6.12
CA ILE B 400 -28.41 18.21 -7.41
C ILE B 400 -29.17 17.33 -8.38
N GLU B 401 -29.89 18.00 -9.29
CA GLU B 401 -30.72 17.41 -10.33
C GLU B 401 -29.95 17.03 -11.59
N ALA B 402 -28.86 17.76 -11.90
CA ALA B 402 -28.03 17.54 -13.08
C ALA B 402 -26.68 18.16 -12.90
N ILE B 403 -25.66 17.50 -13.46
CA ILE B 403 -24.26 17.89 -13.33
C ILE B 403 -23.43 17.43 -14.54
N VAL B 404 -22.75 18.38 -15.18
CA VAL B 404 -21.88 18.11 -16.32
C VAL B 404 -20.60 18.85 -16.01
N GLY B 405 -19.51 18.10 -15.85
CA GLY B 405 -18.19 18.62 -15.48
C GLY B 405 -17.21 18.99 -16.58
N GLY B 406 -17.57 18.81 -17.83
CA GLY B 406 -16.74 19.13 -18.99
C GLY B 406 -17.43 18.73 -20.28
N TYR B 407 -16.78 19.00 -21.44
CA TYR B 407 -17.34 18.61 -22.74
C TYR B 407 -17.79 17.15 -22.77
N ASN B 408 -16.87 16.24 -22.40
CA ASN B 408 -17.10 14.81 -22.36
C ASN B 408 -16.19 14.18 -21.31
N PHE B 409 -16.75 13.27 -20.53
CA PHE B 409 -16.03 12.53 -19.50
C PHE B 409 -14.82 11.70 -20.00
N TYR B 410 -14.81 11.26 -21.28
CA TYR B 410 -13.64 10.52 -21.77
C TYR B 410 -12.33 11.32 -21.74
N GLN B 411 -12.43 12.66 -21.87
CA GLN B 411 -11.28 13.56 -21.85
C GLN B 411 -10.43 13.41 -20.58
N SER B 412 -11.08 13.44 -19.41
CA SER B 412 -10.52 13.25 -18.06
C SER B 412 -11.70 13.20 -17.06
N LYS B 413 -11.41 12.71 -15.85
CA LYS B 413 -12.41 12.61 -14.80
C LYS B 413 -12.74 13.96 -14.14
N PHE B 414 -11.97 15.05 -14.45
CA PHE B 414 -12.09 16.40 -13.86
C PHE B 414 -13.49 17.00 -13.98
N ASN B 415 -14.11 17.33 -12.84
CA ASN B 415 -15.46 17.89 -12.78
C ASN B 415 -15.39 19.35 -12.39
N ARG B 416 -15.62 20.21 -13.38
CA ARG B 416 -15.58 21.66 -13.29
C ARG B 416 -16.68 22.26 -12.44
N ALA B 417 -17.81 21.55 -12.26
CA ALA B 417 -18.90 22.05 -11.41
C ALA B 417 -18.48 21.99 -9.93
N LEU B 418 -17.65 20.97 -9.58
CA LEU B 418 -17.24 20.73 -8.21
C LEU B 418 -15.82 21.14 -7.91
N GLN B 419 -14.93 21.13 -8.90
CA GLN B 419 -13.50 21.41 -8.71
C GLN B 419 -12.98 22.58 -9.57
N GLY B 420 -13.81 23.08 -10.49
CA GLY B 420 -13.43 24.17 -11.39
C GLY B 420 -13.49 25.55 -10.76
N TRP B 421 -12.41 25.93 -10.03
CA TRP B 421 -12.31 27.25 -9.39
C TRP B 421 -12.03 28.28 -10.45
N ARG B 422 -12.98 29.23 -10.62
CA ARG B 422 -12.90 30.31 -11.60
C ARG B 422 -13.47 31.57 -10.98
N GLN B 423 -13.13 32.73 -11.55
CA GLN B 423 -13.66 34.01 -11.12
C GLN B 423 -15.10 34.18 -11.65
N PRO B 424 -16.07 34.61 -10.78
CA PRO B 424 -17.45 34.74 -11.24
C PRO B 424 -17.72 36.00 -12.03
N GLY B 425 -16.95 37.07 -11.76
CA GLY B 425 -17.16 38.37 -12.37
C GLY B 425 -18.51 38.93 -11.95
N SER B 426 -19.32 39.37 -12.95
CA SER B 426 -20.64 40.01 -12.71
C SER B 426 -21.70 39.14 -12.11
N THR B 427 -21.53 37.79 -12.19
CA THR B 427 -22.46 36.87 -11.56
C THR B 427 -22.44 37.06 -10.02
N ILE B 428 -21.39 37.68 -9.47
CA ILE B 428 -21.32 37.97 -8.02
C ILE B 428 -22.16 39.22 -7.62
N LYS B 429 -22.42 40.14 -8.59
CA LYS B 429 -23.12 41.41 -8.36
C LYS B 429 -24.48 41.35 -7.68
N PRO B 430 -25.43 40.45 -8.07
CA PRO B 430 -26.70 40.37 -7.34
C PRO B 430 -26.53 40.11 -5.83
N PHE B 431 -25.50 39.37 -5.41
CA PHE B 431 -25.23 39.08 -3.99
C PHE B 431 -24.93 40.37 -3.18
N LEU B 432 -24.05 41.25 -3.74
CA LEU B 432 -23.66 42.52 -3.12
C LEU B 432 -24.82 43.54 -3.22
N TYR B 433 -25.55 43.54 -4.36
CA TYR B 433 -26.71 44.44 -4.51
C TYR B 433 -27.89 44.03 -3.59
N ALA B 434 -27.99 42.73 -3.24
CA ALA B 434 -29.03 42.23 -2.32
C ALA B 434 -28.70 42.71 -0.89
N LEU B 435 -27.41 42.91 -0.60
CA LEU B 435 -26.95 43.43 0.67
C LEU B 435 -27.27 44.93 0.76
N ALA B 436 -27.30 45.67 -0.40
CA ALA B 436 -27.70 47.09 -0.43
C ALA B 436 -29.20 47.18 -0.14
N LEU B 437 -29.98 46.20 -0.63
CA LEU B 437 -31.42 46.10 -0.42
C LEU B 437 -31.71 45.77 1.03
N GLU B 438 -30.85 44.96 1.68
CA GLU B 438 -30.98 44.63 3.11
C GLU B 438 -30.96 45.91 3.95
N ARG B 439 -30.10 46.88 3.57
CA ARG B 439 -29.88 48.15 4.25
C ARG B 439 -30.97 49.22 4.04
N GLY B 440 -32.01 48.90 3.29
CA GLY B 440 -33.12 49.81 3.07
C GLY B 440 -33.38 50.28 1.66
N MET B 441 -32.38 50.11 0.74
CA MET B 441 -32.52 50.52 -0.66
C MET B 441 -33.56 49.66 -1.37
N THR B 442 -34.15 50.19 -2.46
CA THR B 442 -35.14 49.51 -3.30
C THR B 442 -34.55 49.36 -4.72
N PRO B 443 -35.12 48.51 -5.63
CA PRO B 443 -34.62 48.48 -7.02
C PRO B 443 -34.68 49.84 -7.74
N TYR B 444 -35.49 50.78 -7.21
CA TYR B 444 -35.75 52.12 -7.76
C TYR B 444 -34.88 53.21 -7.21
N SER B 445 -34.16 52.93 -6.08
CA SER B 445 -33.25 53.88 -5.40
C SER B 445 -32.14 54.33 -6.34
N MET B 446 -31.76 55.60 -6.27
CA MET B 446 -30.70 56.18 -7.12
C MET B 446 -29.34 55.87 -6.56
N VAL B 447 -28.44 55.41 -7.45
CA VAL B 447 -27.04 55.08 -7.13
C VAL B 447 -26.12 55.90 -8.00
N ASN B 448 -24.92 56.20 -7.50
CA ASN B 448 -23.97 57.04 -8.24
C ASN B 448 -22.97 56.29 -9.13
N ASP B 449 -23.13 56.42 -10.46
CA ASP B 449 -22.20 55.89 -11.45
C ASP B 449 -21.33 57.04 -11.95
N SER B 450 -20.44 57.49 -11.08
CA SER B 450 -19.49 58.56 -11.35
C SER B 450 -18.06 58.04 -11.12
N PRO B 451 -16.99 58.67 -11.67
CA PRO B 451 -15.63 58.11 -11.45
C PRO B 451 -15.26 57.94 -9.98
N ILE B 452 -14.55 56.84 -9.65
CA ILE B 452 -14.13 56.57 -8.28
C ILE B 452 -12.67 56.10 -8.19
N THR B 453 -11.95 56.59 -7.16
CA THR B 453 -10.55 56.26 -6.88
C THR B 453 -10.38 55.91 -5.39
N ILE B 454 -10.00 54.65 -5.11
CA ILE B 454 -9.75 54.17 -3.74
C ILE B 454 -8.27 53.78 -3.60
N GLY B 455 -7.54 54.57 -2.80
CA GLY B 455 -6.11 54.45 -2.60
C GLY B 455 -5.40 54.93 -3.85
N LYS B 456 -5.02 53.98 -4.72
CA LYS B 456 -4.37 54.22 -6.01
C LYS B 456 -5.31 53.74 -7.12
N TRP B 457 -6.07 52.67 -6.80
CA TRP B 457 -7.03 51.99 -7.67
C TRP B 457 -8.23 52.83 -8.14
N THR B 458 -8.42 52.85 -9.48
CA THR B 458 -9.49 53.51 -10.19
C THR B 458 -10.38 52.41 -10.84
N PRO B 459 -11.43 51.90 -10.14
CA PRO B 459 -12.31 50.91 -10.78
C PRO B 459 -13.09 51.59 -11.89
N LYS B 460 -12.87 51.13 -13.12
CA LYS B 460 -13.49 51.68 -14.32
C LYS B 460 -14.61 50.75 -14.80
N ASN B 461 -15.46 51.27 -15.69
CA ASN B 461 -16.54 50.47 -16.23
C ASN B 461 -16.06 49.87 -17.52
N SER B 462 -16.49 48.62 -17.81
CA SER B 462 -16.15 47.83 -19.00
C SER B 462 -16.36 48.57 -20.34
N ASP B 463 -17.23 49.60 -20.33
CA ASP B 463 -17.52 50.43 -21.50
C ASP B 463 -16.74 51.77 -21.44
N GLY B 464 -16.19 52.07 -20.25
CA GLY B 464 -15.45 53.28 -19.94
C GLY B 464 -16.32 54.53 -19.91
N ARG B 465 -17.61 54.36 -19.59
CA ARG B 465 -18.63 55.42 -19.53
C ARG B 465 -19.18 55.54 -18.10
N TYR B 466 -19.68 56.74 -17.73
CA TYR B 466 -20.27 57.03 -16.42
C TYR B 466 -21.69 57.60 -16.59
N LEU B 467 -22.68 56.93 -16.00
CA LEU B 467 -24.11 57.27 -16.15
C LEU B 467 -24.71 58.17 -15.08
N GLY B 468 -23.91 58.55 -14.09
CA GLY B 468 -24.35 59.40 -12.98
C GLY B 468 -25.39 58.73 -12.10
N MET B 469 -26.43 59.46 -11.72
CA MET B 469 -27.51 58.95 -10.88
C MET B 469 -28.43 58.04 -11.66
N ILE B 470 -28.40 56.76 -11.34
CA ILE B 470 -29.25 55.78 -12.01
C ILE B 470 -29.94 54.87 -11.00
N PRO B 471 -31.02 54.15 -11.36
CA PRO B 471 -31.63 53.25 -10.38
C PRO B 471 -30.77 52.03 -10.16
N LEU B 472 -30.76 51.51 -8.91
CA LEU B 472 -30.04 50.30 -8.50
C LEU B 472 -30.24 49.17 -9.52
N ARG B 473 -31.48 48.99 -10.00
CA ARG B 473 -31.79 47.93 -10.96
C ARG B 473 -31.11 48.08 -12.32
N ARG B 474 -30.94 49.32 -12.81
CA ARG B 474 -30.26 49.65 -14.06
C ARG B 474 -28.74 49.43 -13.87
N ALA B 475 -28.22 49.82 -12.70
CA ALA B 475 -26.83 49.68 -12.31
C ALA B 475 -26.39 48.23 -12.27
N LEU B 476 -27.32 47.32 -11.90
CA LEU B 476 -27.03 45.89 -11.84
C LEU B 476 -27.11 45.31 -13.23
N TYR B 477 -28.21 45.63 -13.91
CA TYR B 477 -28.48 45.18 -15.26
C TYR B 477 -27.30 45.50 -16.20
N LEU B 478 -26.72 46.71 -16.06
CA LEU B 478 -25.60 47.20 -16.84
C LEU B 478 -24.22 46.85 -16.25
N SER B 479 -24.19 46.15 -15.08
CA SER B 479 -23.00 45.72 -14.31
C SER B 479 -21.96 46.87 -14.13
N ARG B 480 -22.38 48.02 -13.52
CA ARG B 480 -21.54 49.22 -13.30
C ARG B 480 -20.59 49.03 -12.11
N ASN B 481 -19.29 48.86 -12.39
CA ASN B 481 -18.24 48.62 -11.39
C ASN B 481 -18.12 49.67 -10.27
N THR B 482 -18.28 50.97 -10.62
CA THR B 482 -18.18 52.08 -9.66
C THR B 482 -19.33 52.01 -8.65
N VAL B 483 -20.53 51.65 -9.13
CA VAL B 483 -21.71 51.49 -8.28
C VAL B 483 -21.46 50.35 -7.28
N SER B 484 -20.94 49.18 -7.74
CA SER B 484 -20.61 48.03 -6.92
C SER B 484 -19.56 48.38 -5.89
N VAL B 485 -18.55 49.15 -6.31
CA VAL B 485 -17.52 49.59 -5.39
C VAL B 485 -18.10 50.53 -4.33
N ARG B 486 -18.95 51.50 -4.75
CA ARG B 486 -19.62 52.42 -3.82
C ARG B 486 -20.58 51.65 -2.91
N LEU B 487 -21.33 50.67 -3.46
CA LEU B 487 -22.24 49.83 -2.66
C LEU B 487 -21.47 49.03 -1.61
N LEU B 488 -20.26 48.57 -1.94
CA LEU B 488 -19.41 47.81 -1.02
C LEU B 488 -19.03 48.65 0.20
N GLN B 489 -18.72 49.96 0.03
CA GLN B 489 -18.36 50.85 1.15
C GLN B 489 -19.55 51.12 2.06
N THR B 490 -20.72 51.39 1.44
CA THR B 490 -22.00 51.68 2.10
C THR B 490 -22.49 50.48 2.92
N VAL B 491 -22.11 49.25 2.50
CA VAL B 491 -22.49 48.01 3.19
C VAL B 491 -21.34 47.39 4.00
N GLY B 492 -20.10 47.80 3.76
CA GLY B 492 -18.93 47.25 4.44
C GLY B 492 -18.45 45.92 3.88
N ILE B 493 -17.11 45.75 3.78
CA ILE B 493 -16.43 44.54 3.29
C ILE B 493 -16.78 43.29 4.12
N GLU B 494 -16.43 43.27 5.43
CA GLU B 494 -16.71 42.10 6.29
C GLU B 494 -18.16 41.61 6.18
N ARG B 495 -19.12 42.56 6.20
CA ARG B 495 -20.56 42.28 6.05
C ARG B 495 -20.87 41.51 4.73
N THR B 496 -20.12 41.80 3.65
CA THR B 496 -20.22 41.18 2.32
C THR B 496 -19.51 39.81 2.34
N ARG B 497 -18.24 39.77 2.81
CA ARG B 497 -17.43 38.55 2.95
C ARG B 497 -18.21 37.52 3.72
N GLN B 498 -18.88 37.96 4.80
CA GLN B 498 -19.72 37.10 5.64
C GLN B 498 -20.89 36.59 4.86
N LEU B 499 -21.51 37.45 4.05
CA LEU B 499 -22.65 37.08 3.19
C LEU B 499 -22.19 36.12 2.10
N PHE B 500 -21.07 36.42 1.42
CA PHE B 500 -20.49 35.49 0.45
C PHE B 500 -20.26 34.12 1.12
N MET B 501 -19.71 34.10 2.36
CA MET B 501 -19.52 32.86 3.15
C MET B 501 -20.87 32.22 3.45
N ASP B 502 -21.90 33.06 3.73
CA ASP B 502 -23.29 32.62 3.98
C ASP B 502 -23.83 32.02 2.68
N PHE B 503 -23.68 32.74 1.52
CA PHE B 503 -24.07 32.28 0.16
C PHE B 503 -23.42 30.94 -0.28
N GLY B 504 -22.33 30.51 0.37
CA GLY B 504 -21.65 29.26 0.04
C GLY B 504 -20.13 29.36 0.00
N LEU B 505 -19.61 30.50 -0.55
CA LEU B 505 -18.20 30.85 -0.79
C LEU B 505 -17.19 30.59 0.33
N GLN B 506 -15.99 30.19 -0.06
CA GLN B 506 -14.88 29.80 0.82
C GLN B 506 -14.12 30.98 1.48
N GLU B 507 -14.04 31.00 2.84
CA GLU B 507 -13.38 32.06 3.62
C GLU B 507 -11.99 32.50 3.14
N ASP B 508 -11.12 31.55 2.80
CA ASP B 508 -9.76 31.87 2.38
C ASP B 508 -9.65 32.13 0.89
N GLN B 509 -10.79 32.07 0.19
CA GLN B 509 -10.89 32.38 -1.24
C GLN B 509 -11.50 33.76 -1.45
N ILE B 510 -12.09 34.37 -0.38
CA ILE B 510 -12.71 35.70 -0.41
C ILE B 510 -11.73 36.75 0.15
N PRO B 511 -11.03 37.51 -0.74
CA PRO B 511 -10.12 38.56 -0.26
C PRO B 511 -10.73 39.61 0.67
N ARG B 512 -9.85 40.32 1.38
CA ARG B 512 -10.21 41.33 2.36
C ARG B 512 -10.11 42.76 1.79
N ASN B 513 -10.12 42.89 0.43
CA ASN B 513 -10.04 44.15 -0.32
C ASN B 513 -11.38 44.55 -1.03
N TYR B 514 -11.33 45.54 -1.96
CA TYR B 514 -12.49 46.05 -2.70
C TYR B 514 -12.78 45.35 -4.03
N THR B 515 -11.81 44.53 -4.54
CA THR B 515 -11.96 43.77 -5.81
C THR B 515 -13.06 42.71 -5.74
N ILE B 516 -13.47 42.34 -4.52
CA ILE B 516 -14.54 41.38 -4.27
C ILE B 516 -15.95 41.90 -4.71
N ALA B 517 -16.01 43.16 -5.18
CA ALA B 517 -17.23 43.78 -5.68
C ALA B 517 -17.19 43.57 -7.19
N LEU B 518 -16.05 43.05 -7.69
CA LEU B 518 -15.89 42.82 -9.13
C LEU B 518 -15.88 41.37 -9.56
N GLY B 519 -15.93 40.46 -8.61
CA GLY B 519 -15.95 39.02 -8.87
C GLY B 519 -14.58 38.45 -9.22
N THR B 520 -13.56 38.88 -8.46
CA THR B 520 -12.17 38.42 -8.60
C THR B 520 -11.92 37.22 -7.71
N PRO B 521 -12.53 37.08 -6.51
CA PRO B 521 -12.36 35.83 -5.74
C PRO B 521 -12.71 34.60 -6.58
N GLN B 522 -12.01 33.49 -6.33
CA GLN B 522 -12.27 32.22 -7.04
C GLN B 522 -13.50 31.61 -6.41
N VAL B 523 -14.36 31.05 -7.23
CA VAL B 523 -15.58 30.35 -6.80
C VAL B 523 -15.73 29.04 -7.58
N LEU B 524 -16.60 28.14 -7.10
CA LEU B 524 -16.98 26.94 -7.82
C LEU B 524 -18.41 27.12 -8.33
N PRO B 525 -18.72 26.67 -9.56
CA PRO B 525 -20.12 26.77 -10.06
C PRO B 525 -21.20 26.27 -9.06
N ILE B 526 -20.92 25.19 -8.29
CA ILE B 526 -21.86 24.68 -7.25
C ILE B 526 -22.18 25.74 -6.14
N GLN B 527 -21.17 26.57 -5.77
CA GLN B 527 -21.32 27.67 -4.79
C GLN B 527 -22.24 28.77 -5.34
N MET B 528 -22.07 29.11 -6.64
CA MET B 528 -22.88 30.09 -7.33
C MET B 528 -24.34 29.64 -7.40
N ALA B 529 -24.58 28.33 -7.69
CA ALA B 529 -25.91 27.72 -7.76
C ALA B 529 -26.59 27.86 -6.41
N THR B 530 -25.86 27.54 -5.34
CA THR B 530 -26.25 27.64 -3.95
C THR B 530 -26.65 29.08 -3.61
N GLY B 531 -25.88 30.06 -4.04
CA GLY B 531 -26.15 31.47 -3.79
C GLY B 531 -27.36 32.01 -4.53
N TYR B 532 -27.55 31.57 -5.78
CA TYR B 532 -28.69 31.98 -6.56
C TYR B 532 -29.95 31.39 -6.04
N ALA B 533 -29.86 30.22 -5.34
CA ALA B 533 -31.04 29.57 -4.72
C ALA B 533 -31.66 30.45 -3.66
N THR B 534 -30.86 31.33 -3.02
CA THR B 534 -31.31 32.30 -1.99
C THR B 534 -32.37 33.22 -2.55
N PHE B 535 -32.28 33.51 -3.86
CA PHE B 535 -33.23 34.36 -4.58
C PHE B 535 -34.51 33.56 -4.94
N ALA B 536 -34.36 32.31 -5.44
CA ALA B 536 -35.47 31.46 -5.85
C ALA B 536 -36.31 30.93 -4.67
N ASN B 537 -35.68 30.85 -3.48
CA ASN B 537 -36.34 30.30 -2.32
C ASN B 537 -36.85 31.29 -1.28
N GLY B 538 -36.56 32.56 -1.44
CA GLY B 538 -37.05 33.55 -0.49
C GLY B 538 -36.08 34.02 0.58
N GLY B 539 -34.79 33.71 0.42
CA GLY B 539 -33.74 34.14 1.34
C GLY B 539 -33.14 33.10 2.25
N TYR B 540 -33.22 31.82 1.89
CA TYR B 540 -32.67 30.77 2.74
C TYR B 540 -31.39 30.17 2.21
N ARG B 541 -30.54 29.71 3.13
CA ARG B 541 -29.32 29.03 2.75
C ARG B 541 -29.61 27.53 2.65
N VAL B 542 -29.50 26.97 1.44
CA VAL B 542 -29.63 25.54 1.22
C VAL B 542 -28.23 24.96 1.02
N GLN B 543 -28.09 23.67 1.28
CA GLN B 543 -26.81 22.99 1.11
C GLN B 543 -27.01 22.04 -0.03
N PRO B 544 -26.18 22.08 -1.07
CA PRO B 544 -26.33 21.11 -2.17
C PRO B 544 -26.05 19.69 -1.71
N HIS B 545 -26.86 18.72 -2.16
CA HIS B 545 -26.71 17.32 -1.80
C HIS B 545 -27.06 16.39 -2.95
N PHE B 546 -26.32 15.27 -3.09
CA PHE B 546 -26.58 14.33 -4.17
C PHE B 546 -27.11 12.98 -3.75
N ILE B 547 -27.06 12.66 -2.45
CA ILE B 547 -27.59 11.40 -1.95
C ILE B 547 -29.00 11.56 -1.38
N GLN B 548 -29.95 10.75 -1.91
CA GLN B 548 -31.35 10.70 -1.47
C GLN B 548 -31.36 9.66 -0.35
N ARG B 549 -30.91 8.43 -0.69
CA ARG B 549 -30.81 7.37 0.30
C ARG B 549 -29.67 6.38 -0.01
N ILE B 550 -29.26 5.61 1.01
CA ILE B 550 -28.26 4.54 0.86
C ILE B 550 -28.87 3.27 1.42
N GLU B 551 -28.70 2.15 0.73
CA GLU B 551 -29.15 0.82 1.20
C GLU B 551 -27.95 -0.06 1.38
N ASP B 552 -28.03 -1.07 2.27
CA ASP B 552 -26.91 -2.00 2.29
C ASP B 552 -27.14 -3.05 1.15
N ALA B 553 -26.29 -4.07 1.06
CA ALA B 553 -26.41 -5.12 0.05
C ALA B 553 -27.67 -5.98 0.26
N TYR B 554 -28.11 -6.07 1.53
CA TYR B 554 -29.27 -6.83 1.98
C TYR B 554 -30.61 -6.14 1.75
N GLY B 555 -30.60 -4.82 1.54
CA GLY B 555 -31.83 -4.08 1.31
C GLY B 555 -32.26 -3.19 2.45
N LYS B 556 -31.47 -3.09 3.51
CA LYS B 556 -31.77 -2.23 4.65
C LYS B 556 -31.41 -0.76 4.28
N VAL B 557 -32.33 0.18 4.57
CA VAL B 557 -32.09 1.62 4.38
C VAL B 557 -31.26 2.06 5.59
N ILE B 558 -29.99 2.42 5.32
CA ILE B 558 -29.00 2.78 6.34
C ILE B 558 -28.77 4.30 6.38
N TYR B 559 -29.28 5.03 5.38
CA TYR B 559 -29.18 6.49 5.34
C TYR B 559 -30.31 7.06 4.55
N GLU B 560 -30.95 8.08 5.09
CA GLU B 560 -31.99 8.83 4.40
C GLU B 560 -31.69 10.30 4.59
N ALA B 561 -31.58 11.05 3.48
CA ALA B 561 -31.31 12.48 3.47
C ALA B 561 -32.33 13.28 4.27
N LYS B 562 -31.83 14.10 5.18
CA LYS B 562 -32.66 15.02 5.97
C LYS B 562 -32.12 16.41 5.61
N PRO B 563 -32.42 16.97 4.41
CA PRO B 563 -31.86 18.29 4.08
C PRO B 563 -32.53 19.41 4.86
N GLU B 564 -31.93 20.61 4.85
CA GLU B 564 -32.48 21.83 5.43
C GLU B 564 -33.34 22.41 4.30
N TYR B 565 -34.67 22.53 4.53
CA TYR B 565 -35.63 23.06 3.55
C TYR B 565 -35.83 24.54 3.72
N ALA B 566 -35.96 25.28 2.58
CA ALA B 566 -36.26 26.72 2.61
C ALA B 566 -37.71 26.90 3.04
N CYS B 567 -38.60 26.13 2.38
CA CYS B 567 -40.04 26.11 2.53
C CYS B 567 -40.53 24.69 2.82
N ILE B 568 -40.84 24.42 4.08
CA ILE B 568 -41.36 23.13 4.53
C ILE B 568 -42.76 22.84 3.95
N PRO B 569 -43.75 23.78 3.93
CA PRO B 569 -45.07 23.46 3.33
C PRO B 569 -45.06 23.21 1.82
N CYS B 570 -43.96 23.58 1.14
CA CYS B 570 -43.82 23.46 -0.30
C CYS B 570 -43.63 21.98 -0.75
N ILE B 571 -43.09 21.13 0.15
CA ILE B 571 -42.87 19.70 -0.11
C ILE B 571 -44.23 19.01 -0.38
N ASN B 572 -45.29 19.44 0.36
CA ASN B 572 -46.66 18.94 0.26
C ASN B 572 -47.32 19.24 -1.11
N ALA B 573 -47.13 20.48 -1.65
CA ALA B 573 -47.64 20.95 -2.95
C ALA B 573 -49.14 20.69 -3.20
N GLN B 618 -39.21 17.31 5.59
CA GLN B 618 -40.26 17.96 6.36
C GLN B 618 -39.77 18.60 7.68
N TYR B 619 -38.82 17.97 8.35
CA TYR B 619 -38.25 18.38 9.64
C TYR B 619 -37.34 19.63 9.67
N ARG B 620 -36.12 19.61 9.05
CA ARG B 620 -35.14 20.71 9.12
C ARG B 620 -35.46 21.95 8.31
N GLN B 621 -35.49 23.10 9.01
CA GLN B 621 -35.71 24.41 8.42
C GLN B 621 -34.35 25.03 8.13
N ALA B 622 -34.14 25.52 6.91
CA ALA B 622 -32.89 26.16 6.48
C ALA B 622 -32.83 27.54 7.13
N GLN B 623 -31.61 28.04 7.41
CA GLN B 623 -31.44 29.37 7.97
C GLN B 623 -31.66 30.44 6.92
N ARG B 624 -32.28 31.54 7.33
CA ARG B 624 -32.50 32.73 6.54
C ARG B 624 -31.19 33.53 6.49
N ILE B 625 -30.73 33.88 5.26
CA ILE B 625 -29.51 34.67 5.03
C ILE B 625 -29.76 36.06 4.48
N LEU B 626 -31.01 36.35 4.02
CA LEU B 626 -31.49 37.62 3.45
C LEU B 626 -32.94 37.82 3.84
N LYS B 627 -33.39 39.08 3.98
CA LYS B 627 -34.80 39.36 4.22
C LYS B 627 -35.56 38.89 2.98
N SER B 628 -36.79 38.39 3.21
CA SER B 628 -37.73 37.94 2.20
C SER B 628 -37.78 38.98 1.07
N SER B 629 -38.00 40.29 1.43
CA SER B 629 -38.11 41.43 0.51
C SER B 629 -36.86 41.69 -0.31
N SER B 630 -35.67 41.45 0.24
CA SER B 630 -34.40 41.62 -0.48
C SER B 630 -34.28 40.52 -1.56
N ALA B 631 -34.66 39.28 -1.19
CA ALA B 631 -34.63 38.11 -2.06
C ALA B 631 -35.63 38.23 -3.21
N TYR B 632 -36.86 38.71 -2.93
CA TYR B 632 -37.93 38.91 -3.93
C TYR B 632 -37.59 40.08 -4.84
N ASP B 633 -37.02 41.13 -4.26
CA ASP B 633 -36.60 42.31 -5.00
C ASP B 633 -35.52 41.93 -5.95
N MET B 634 -34.51 41.17 -5.47
CA MET B 634 -33.45 40.69 -6.34
C MET B 634 -33.94 39.73 -7.40
N ALA B 635 -34.84 38.79 -7.04
CA ALA B 635 -35.42 37.85 -7.99
C ALA B 635 -36.11 38.60 -9.14
N ASN B 636 -36.92 39.66 -8.82
CA ASN B 636 -37.61 40.46 -9.84
C ASN B 636 -36.66 41.30 -10.66
N ILE B 637 -35.52 41.77 -10.11
CA ILE B 637 -34.57 42.50 -10.96
C ILE B 637 -34.03 41.49 -12.02
N LEU B 638 -33.55 40.34 -11.57
CA LEU B 638 -33.06 39.28 -12.46
C LEU B 638 -34.11 38.80 -13.49
N ARG B 639 -35.43 38.81 -13.13
CA ARG B 639 -36.47 38.45 -14.10
C ARG B 639 -36.54 39.54 -15.16
N ASP B 640 -36.46 40.83 -14.74
CA ASP B 640 -36.44 42.01 -15.63
C ASP B 640 -35.18 42.01 -16.52
N VAL B 641 -34.04 41.61 -15.96
CA VAL B 641 -32.76 41.46 -16.63
C VAL B 641 -32.86 40.39 -17.75
N ILE B 642 -33.63 39.29 -17.51
CA ILE B 642 -33.81 38.20 -18.49
C ILE B 642 -34.84 38.56 -19.61
N GLU B 643 -35.91 39.27 -19.25
CA GLU B 643 -37.01 39.68 -20.13
C GLU B 643 -36.68 40.89 -21.01
N HIS B 644 -35.59 41.62 -20.69
CA HIS B 644 -35.10 42.76 -21.46
C HIS B 644 -33.73 42.41 -22.06
N GLY B 645 -33.66 41.20 -22.65
CA GLY B 645 -32.52 40.55 -23.31
C GLY B 645 -31.32 41.40 -23.64
N ILE B 653 -36.72 31.74 -24.12
CA ILE B 653 -37.89 30.86 -24.29
C ILE B 653 -39.27 31.52 -23.95
N GLY B 654 -40.32 30.70 -23.97
CA GLY B 654 -41.69 31.12 -23.68
C GLY B 654 -42.14 30.80 -22.28
N ARG B 655 -41.50 31.45 -21.29
CA ARG B 655 -41.78 31.30 -19.87
C ARG B 655 -41.59 32.67 -19.21
N SER B 656 -42.45 33.01 -18.23
CA SER B 656 -42.42 34.31 -17.52
C SER B 656 -41.98 34.15 -16.04
N ASP B 657 -41.38 33.01 -15.73
CA ASP B 657 -40.99 32.65 -14.37
C ASP B 657 -39.52 32.38 -14.22
N LEU B 658 -38.71 33.03 -15.06
CA LEU B 658 -37.27 32.91 -15.06
C LEU B 658 -36.60 34.22 -14.78
N GLY B 659 -35.49 34.12 -14.06
CA GLY B 659 -34.62 35.25 -13.75
C GLY B 659 -33.19 34.81 -13.92
N GLY B 660 -32.32 35.68 -14.37
CA GLY B 660 -30.93 35.28 -14.53
C GLY B 660 -29.95 36.42 -14.64
N LYS B 661 -28.65 36.09 -14.52
CA LYS B 661 -27.57 37.06 -14.63
C LYS B 661 -26.41 36.49 -15.44
N THR B 662 -25.88 37.33 -16.35
CA THR B 662 -24.70 36.97 -17.13
C THR B 662 -23.44 37.43 -16.39
N GLY B 663 -22.32 36.84 -16.73
CA GLY B 663 -21.02 37.19 -16.20
C GLY B 663 -19.96 36.96 -17.26
N THR B 664 -19.01 37.89 -17.35
CA THR B 664 -17.85 37.82 -18.23
C THR B 664 -16.68 38.28 -17.42
N THR B 665 -15.60 37.51 -17.39
CA THR B 665 -14.43 37.97 -16.65
C THR B 665 -13.56 38.84 -17.53
N ASN B 666 -12.50 39.41 -16.97
CA ASN B 666 -11.54 40.23 -17.69
C ASN B 666 -10.90 39.45 -18.82
N ASP B 667 -10.79 40.11 -19.97
CA ASP B 667 -10.24 39.57 -21.21
C ASP B 667 -11.05 38.37 -21.68
N ALA B 668 -12.34 38.33 -21.30
CA ALA B 668 -13.29 37.25 -21.62
C ALA B 668 -12.69 35.86 -21.36
N LYS B 669 -12.08 35.67 -20.18
CA LYS B 669 -11.48 34.40 -19.77
C LYS B 669 -12.54 33.38 -19.30
N ASP B 670 -13.74 33.91 -18.92
CA ASP B 670 -14.93 33.18 -18.44
C ASP B 670 -16.21 33.80 -18.96
N ALA B 671 -17.21 32.92 -19.27
CA ALA B 671 -18.58 33.26 -19.70
C ALA B 671 -19.52 32.46 -18.79
N TRP B 672 -20.36 33.17 -18.03
CA TRP B 672 -21.30 32.56 -17.11
C TRP B 672 -22.74 32.93 -17.37
N PHE B 673 -23.63 32.06 -16.92
CA PHE B 673 -25.03 32.36 -16.78
C PHE B 673 -25.58 31.66 -15.54
N ALA B 674 -26.10 32.45 -14.61
CA ALA B 674 -26.67 31.98 -13.36
C ALA B 674 -28.09 32.47 -13.35
N GLY B 675 -29.00 31.52 -13.49
CA GLY B 675 -30.42 31.78 -13.59
C GLY B 675 -31.26 30.72 -12.92
N PHE B 676 -32.57 30.95 -12.89
CA PHE B 676 -33.45 30.05 -12.15
C PHE B 676 -34.94 30.29 -12.38
N ASN B 677 -35.73 29.33 -11.91
CA ASN B 677 -37.15 29.48 -11.66
C ASN B 677 -37.26 29.06 -10.16
N GLY B 678 -38.48 29.03 -9.62
CA GLY B 678 -38.70 28.66 -8.22
C GLY B 678 -38.53 27.17 -7.94
N LYS B 679 -38.27 26.36 -8.98
CA LYS B 679 -38.12 24.90 -8.81
C LYS B 679 -36.76 24.38 -9.25
N LEU B 680 -35.96 25.26 -9.89
CA LEU B 680 -34.69 24.87 -10.47
C LEU B 680 -33.74 26.04 -10.63
N VAL B 681 -32.52 25.89 -10.11
CA VAL B 681 -31.43 26.86 -10.27
C VAL B 681 -30.40 26.23 -11.21
N THR B 682 -30.00 26.93 -12.26
CA THR B 682 -28.98 26.46 -13.19
C THR B 682 -27.86 27.47 -13.36
N VAL B 683 -26.62 27.02 -13.26
CA VAL B 683 -25.42 27.82 -13.49
C VAL B 683 -24.64 27.17 -14.65
N THR B 684 -24.39 27.92 -15.75
CA THR B 684 -23.54 27.43 -16.87
C THR B 684 -22.26 28.29 -16.91
N TRP B 685 -21.17 27.69 -17.37
CA TRP B 685 -19.88 28.32 -17.48
C TRP B 685 -19.25 27.79 -18.74
N VAL B 686 -18.41 28.64 -19.37
CA VAL B 686 -17.63 28.37 -20.58
C VAL B 686 -16.31 29.10 -20.42
N GLY B 687 -15.23 28.40 -20.68
CA GLY B 687 -13.86 28.93 -20.59
C GLY B 687 -12.87 27.86 -20.97
N PHE B 688 -11.59 28.27 -21.13
CA PHE B 688 -10.51 27.35 -21.42
C PHE B 688 -9.89 26.95 -20.07
N ASP B 689 -9.46 25.70 -19.92
CA ASP B 689 -8.85 25.29 -18.65
C ASP B 689 -7.61 26.11 -18.32
N GLN B 690 -6.78 26.39 -19.34
CA GLN B 690 -5.64 27.30 -19.20
C GLN B 690 -6.21 28.63 -19.61
N PRO B 691 -6.55 29.56 -18.69
CA PRO B 691 -7.24 30.78 -19.15
C PRO B 691 -6.44 31.53 -20.24
N THR B 692 -7.17 31.76 -21.35
CA THR B 692 -6.85 32.47 -22.60
C THR B 692 -8.19 33.10 -22.88
N THR B 693 -8.19 34.15 -23.67
CA THR B 693 -9.47 34.79 -23.99
C THR B 693 -10.38 33.84 -24.78
N LEU B 694 -11.70 34.01 -24.61
CA LEU B 694 -12.74 33.31 -25.35
C LEU B 694 -12.95 34.13 -26.63
N GLY B 695 -12.45 35.37 -26.58
CA GLY B 695 -12.50 36.37 -27.63
C GLY B 695 -13.42 37.50 -27.25
N ARG B 696 -13.15 38.74 -27.72
CA ARG B 696 -14.06 39.89 -27.53
C ARG B 696 -15.23 39.54 -28.42
N ARG B 697 -16.44 39.70 -27.92
CA ARG B 697 -17.72 39.32 -28.55
C ARG B 697 -18.23 38.08 -27.84
N GLU B 698 -17.41 37.47 -26.96
CA GLU B 698 -17.78 36.22 -26.27
C GLU B 698 -18.27 36.33 -24.81
N TYR B 699 -19.16 37.27 -24.57
CA TYR B 699 -19.73 37.51 -23.25
C TYR B 699 -20.71 36.40 -22.78
N GLY B 700 -20.96 36.39 -21.46
CA GLY B 700 -21.85 35.45 -20.80
C GLY B 700 -23.08 35.10 -21.58
N GLY B 701 -23.85 36.13 -21.95
CA GLY B 701 -25.10 36.06 -22.73
C GLY B 701 -24.96 35.44 -24.11
N ILE B 702 -23.70 35.40 -24.63
CA ILE B 702 -23.42 34.83 -25.93
C ILE B 702 -22.94 33.38 -25.84
N ALA B 703 -22.00 33.07 -24.92
CA ALA B 703 -21.42 31.73 -24.82
C ALA B 703 -22.10 30.76 -23.86
N ALA B 704 -22.38 31.20 -22.63
CA ALA B 704 -22.97 30.39 -21.56
C ALA B 704 -24.52 30.32 -21.57
N LEU B 705 -25.19 31.45 -21.83
CA LEU B 705 -26.65 31.57 -21.86
C LEU B 705 -27.35 30.59 -22.79
N PRO B 706 -26.89 30.35 -24.03
CA PRO B 706 -27.59 29.36 -24.89
C PRO B 706 -27.68 27.95 -24.28
N ILE B 707 -26.63 27.53 -23.51
CA ILE B 707 -26.60 26.24 -22.84
C ILE B 707 -27.71 26.20 -21.80
N TRP B 708 -27.80 27.28 -21.00
CA TRP B 708 -28.80 27.51 -19.95
C TRP B 708 -30.20 27.45 -20.54
N ILE B 709 -30.44 28.23 -21.63
CA ILE B 709 -31.72 28.34 -22.36
C ILE B 709 -32.17 26.96 -22.84
N ASN B 710 -31.27 26.22 -23.54
CA ASN B 710 -31.52 24.89 -24.09
CA ASN B 710 -31.57 24.90 -24.07
C ASN B 710 -31.86 23.89 -22.98
N PHE B 711 -31.10 23.92 -21.86
CA PHE B 711 -31.34 23.03 -20.72
C PHE B 711 -32.65 23.40 -20.03
N MET B 712 -32.79 24.66 -19.60
CA MET B 712 -33.98 25.19 -18.92
C MET B 712 -35.29 25.01 -19.64
N GLY B 713 -35.27 25.27 -20.94
CA GLY B 713 -36.45 25.13 -21.79
C GLY B 713 -36.95 23.70 -21.86
N GLN B 714 -36.03 22.73 -21.88
CA GLN B 714 -36.39 21.33 -21.98
C GLN B 714 -36.67 20.70 -20.64
N ALA B 715 -35.94 21.12 -19.57
CA ALA B 715 -36.10 20.65 -18.19
C ALA B 715 -37.45 21.12 -17.62
N LEU B 716 -37.84 22.39 -17.90
CA LEU B 716 -39.09 23.00 -17.41
C LEU B 716 -40.24 22.87 -18.40
N GLN B 717 -40.09 22.07 -19.44
CA GLN B 717 -41.16 21.90 -20.42
C GLN B 717 -42.36 21.17 -19.81
N GLY B 718 -43.54 21.79 -19.90
CA GLY B 718 -44.80 21.25 -19.42
C GLY B 718 -44.94 21.18 -17.91
N THR B 719 -44.42 22.21 -17.23
CA THR B 719 -44.49 22.41 -15.79
C THR B 719 -45.07 23.83 -15.63
N PRO B 720 -46.01 24.05 -14.68
CA PRO B 720 -46.57 25.39 -14.52
C PRO B 720 -45.55 26.44 -14.06
N ALA B 721 -45.97 27.73 -14.12
CA ALA B 721 -45.17 28.86 -13.66
C ALA B 721 -44.85 28.62 -12.18
N ALA B 722 -43.61 28.86 -11.81
CA ALA B 722 -43.13 28.69 -10.44
C ALA B 722 -42.16 29.82 -10.14
N TRP B 723 -42.71 30.90 -9.59
CA TRP B 723 -41.93 32.06 -9.21
C TRP B 723 -41.63 31.99 -7.72
N VAL B 724 -41.43 33.12 -7.07
CA VAL B 724 -41.10 33.12 -5.66
C VAL B 724 -42.35 33.38 -4.80
N ARG B 725 -42.52 32.51 -3.78
CA ARG B 725 -43.56 32.45 -2.76
C ARG B 725 -44.00 33.83 -2.21
#